data_3GCJ
#
_entry.id   3GCJ
#
_cell.length_a   54.618
_cell.length_b   80.553
_cell.length_c   77.803
_cell.angle_alpha   90.00
_cell.angle_beta   102.55
_cell.angle_gamma   90.00
#
_symmetry.space_group_name_H-M   'P 1 21 1'
#
loop_
_entity.id
_entity.type
_entity.pdbx_description
1 polymer Lactoperoxidase
2 branched alpha-D-mannopyranose-(1-4)-2-acetamido-2-deoxy-beta-D-glucopyranose-(1-4)-2-acetamido-2-deoxy-beta-D-glucopyranose
3 branched 2-acetamido-2-deoxy-beta-D-glucopyranose-(1-4)-2-acetamido-2-deoxy-beta-D-glucopyranose
4 non-polymer 'PROTOPORPHYRIN IX CONTAINING FE'
5 non-polymer 'CALCIUM ION'
6 non-polymer 'IODIDE ION'
7 non-polymer 'THIOCYANATE ION'
8 non-polymer 'SALICYLHYDROXAMIC ACID'
9 water water
#
_entity_poly.entity_id   1
_entity_poly.type   'polypeptide(L)'
_entity_poly.pdbx_seq_one_letter_code
;SWEVGCGAPVPLVKCDENSPYRTITGDCNNRRSPALGAANRALARWLPAEYEDGLALPFGWTQRKTRNGFRVPLAREVSN
KIVGYLDEEGVLDQNRSLLFMQWGQIVDHDLDFAPETELGSNEHSKTQCEEYCIQGDNCFPIMFPKNDPKLKTQGKCMPF
FRAGFVCPTPPYQSLAREQINAVTSFLDASLVYGSEP(SEP)LASRLRNLSSPLGLMAVNQEAWDHGLAYLPFNNKKPSP
CEFINTTARVPCFLAGDFRASEQILLATAHTLLLREHNRLARELKKLNPHWNGEKLYQEARKILGAFIQIITFRDYLPIV
LGSEMQKWIPPYQGYNNSVDPRISNVFTFAFRFGHMEVPSTVSRLDENYQPWGPEAELPLHTLFFNTWRIIKDGGIDPLV
RGLLAKKSKLMNQDKMVTSELRNKLFQPTHKIHGFDLAAINLQRCRDHGMPGYNSWRGFCGLSQPKTLKGLQTVLKNKIL
AKKLMDLYKTPDNIDIWIGGNAEPMVERGRVGPLLACLLGRQFQQIRDGDRFWWENPGVFTEKQRDSLQKVSFSRLICDN
THITKVPLHAFQANNYPHDFVDCSTVDKLDLSPWASREN
;
_entity_poly.pdbx_strand_id   A
#
loop_
_chem_comp.id
_chem_comp.type
_chem_comp.name
_chem_comp.formula
CA non-polymer 'CALCIUM ION' 'Ca 2'
HEM non-polymer 'PROTOPORPHYRIN IX CONTAINING FE' 'C34 H32 Fe N4 O4'
IOD non-polymer 'IODIDE ION' 'I -1'
MAN D-saccharide, alpha linking alpha-D-mannopyranose 'C6 H12 O6'
NAG D-saccharide, beta linking 2-acetamido-2-deoxy-beta-D-glucopyranose 'C8 H15 N O6'
SCN non-polymer 'THIOCYANATE ION' 'C N S -1'
SHA non-polymer 'SALICYLHYDROXAMIC ACID' 'C7 H7 N O3'
#
# COMPACT_ATOMS: atom_id res chain seq x y z
N SER A 1 -8.01 11.47 -33.03
CA SER A 1 -7.80 10.16 -32.40
C SER A 1 -6.49 10.12 -31.62
N TRP A 2 -6.54 10.46 -30.35
CA TRP A 2 -5.40 10.34 -29.47
C TRP A 2 -5.12 8.86 -29.34
N GLU A 3 -4.06 8.46 -28.63
CA GLU A 3 -3.85 7.04 -28.45
C GLU A 3 -5.05 6.49 -27.64
N VAL A 4 -6.20 6.41 -28.30
CA VAL A 4 -7.49 6.03 -27.70
C VAL A 4 -7.92 4.55 -27.61
N GLY A 5 -7.47 3.72 -28.55
CA GLY A 5 -7.87 2.31 -28.64
C GLY A 5 -7.64 1.15 -27.67
N CYS A 6 -6.41 0.62 -27.61
CA CYS A 6 -6.06 -0.55 -26.76
C CYS A 6 -6.89 -0.68 -25.49
N GLY A 7 -7.32 -1.92 -25.28
CA GLY A 7 -8.13 -2.29 -24.13
C GLY A 7 -8.24 -3.80 -24.14
N ALA A 8 -7.22 -4.48 -23.62
CA ALA A 8 -7.16 -5.95 -23.59
C ALA A 8 -7.32 -6.82 -22.27
N PRO A 9 -6.63 -6.48 -21.12
CA PRO A 9 -6.58 -7.10 -19.76
C PRO A 9 -7.81 -7.03 -18.93
N VAL A 10 -8.74 -6.28 -19.57
CA VAL A 10 -10.07 -5.95 -19.01
C VAL A 10 -11.18 -6.96 -19.44
N PRO A 11 -12.36 -6.73 -18.78
CA PRO A 11 -13.67 -7.59 -18.71
C PRO A 11 -14.62 -8.21 -19.80
N LEU A 12 -15.94 -7.78 -19.47
CA LEU A 12 -17.29 -8.01 -20.06
C LEU A 12 -18.50 -7.48 -19.21
N VAL A 13 -18.75 -6.22 -18.91
CA VAL A 13 -20.10 -6.09 -18.28
C VAL A 13 -20.77 -4.81 -18.60
N LYS A 14 -22.01 -4.93 -18.28
CA LYS A 14 -22.90 -3.88 -18.44
C LYS A 14 -23.01 -3.12 -17.18
N CYS A 15 -23.38 -1.89 -17.37
CA CYS A 15 -23.65 -1.03 -16.23
C CYS A 15 -25.13 -0.85 -15.88
N ASP A 16 -25.46 -0.97 -14.60
CA ASP A 16 -26.83 -0.72 -14.15
C ASP A 16 -26.68 0.70 -13.64
N GLU A 17 -27.17 1.66 -14.40
CA GLU A 17 -27.01 3.06 -14.04
C GLU A 17 -27.75 3.58 -12.82
N ASN A 18 -28.63 2.77 -12.24
CA ASN A 18 -29.33 3.21 -11.04
C ASN A 18 -29.02 2.37 -9.83
N SER A 19 -27.94 1.60 -9.90
CA SER A 19 -27.54 0.77 -8.77
C SER A 19 -26.95 1.65 -7.68
N PRO A 20 -27.35 1.41 -6.42
CA PRO A 20 -26.82 2.22 -5.33
C PRO A 20 -25.48 1.66 -4.82
N TYR A 21 -24.99 0.62 -5.46
CA TYR A 21 -23.74 0.01 -5.04
C TYR A 21 -22.63 0.05 -6.08
N ARG A 22 -21.39 0.17 -5.60
CA ARG A 22 -20.23 0.19 -6.50
C ARG A 22 -20.08 -1.19 -7.13
N THR A 23 -19.52 -1.25 -8.32
CA THR A 23 -19.26 -2.56 -8.91
C THR A 23 -17.97 -3.03 -8.22
N ILE A 24 -17.66 -4.31 -8.35
CA ILE A 24 -16.45 -4.86 -7.75
C ILE A 24 -15.20 -4.39 -8.51
N THR A 25 -15.32 -4.24 -9.83
CA THR A 25 -14.19 -3.84 -10.68
C THR A 25 -13.95 -2.34 -10.80
N GLY A 26 -14.87 -1.52 -10.33
CA GLY A 26 -14.69 -0.09 -10.43
C GLY A 26 -15.38 0.50 -11.64
N ASP A 27 -15.73 -0.36 -12.58
CA ASP A 27 -16.43 0.05 -13.79
C ASP A 27 -17.74 0.71 -13.38
N CYS A 28 -18.25 1.60 -14.24
CA CYS A 28 -19.53 2.27 -14.02
C CYS A 28 -19.55 3.36 -12.97
N ASN A 29 -18.40 3.74 -12.44
CA ASN A 29 -18.37 4.79 -11.43
C ASN A 29 -18.68 6.10 -12.15
N ASN A 30 -17.96 6.34 -13.23
CA ASN A 30 -18.16 7.53 -14.04
C ASN A 30 -19.13 7.13 -15.13
N ARG A 31 -20.21 7.90 -15.29
CA ARG A 31 -21.25 7.60 -16.28
C ARG A 31 -20.88 7.86 -17.75
N ARG A 32 -20.14 8.92 -18.01
CA ARG A 32 -19.75 9.23 -19.39
C ARG A 32 -18.63 8.34 -19.90
N SER A 33 -17.74 7.93 -19.00
CA SER A 33 -16.62 7.07 -19.35
C SER A 33 -16.55 5.95 -18.29
N PRO A 34 -17.30 4.86 -18.51
CA PRO A 34 -17.40 3.69 -17.64
C PRO A 34 -16.13 3.00 -17.11
N ALA A 35 -15.10 2.94 -17.93
CA ALA A 35 -13.86 2.25 -17.52
C ALA A 35 -12.92 3.06 -16.64
N LEU A 36 -13.22 4.34 -16.46
CA LEU A 36 -12.40 5.24 -15.66
C LEU A 36 -12.29 4.87 -14.18
N GLY A 37 -11.08 4.51 -13.75
CA GLY A 37 -10.86 4.13 -12.35
C GLY A 37 -10.98 2.63 -12.12
N ALA A 38 -11.35 1.89 -13.16
CA ALA A 38 -11.52 0.44 -13.05
C ALA A 38 -10.19 -0.29 -12.92
N ALA A 39 -10.26 -1.49 -12.38
CA ALA A 39 -9.08 -2.32 -12.19
C ALA A 39 -8.63 -2.96 -13.49
N ASN A 40 -7.38 -3.39 -13.52
CA ASN A 40 -6.79 -4.03 -14.70
C ASN A 40 -6.72 -3.14 -15.93
N ARG A 41 -6.48 -1.86 -15.69
CA ARG A 41 -6.32 -0.88 -16.76
C ARG A 41 -4.97 -0.23 -16.47
N ALA A 42 -4.47 0.55 -17.41
CA ALA A 42 -3.17 1.19 -17.23
C ALA A 42 -3.17 2.30 -16.18
N LEU A 43 -2.03 2.48 -15.53
CA LEU A 43 -1.88 3.56 -14.58
C LEU A 43 -1.86 4.82 -15.44
N ALA A 44 -2.44 5.91 -14.95
CA ALA A 44 -2.45 7.16 -15.72
C ALA A 44 -1.05 7.78 -15.77
N ARG A 45 -0.79 8.58 -16.80
CA ARG A 45 0.49 9.26 -16.96
C ARG A 45 0.30 10.77 -16.85
N TRP A 46 0.84 11.37 -15.79
CA TRP A 46 0.76 12.81 -15.63
C TRP A 46 1.80 13.45 -16.54
N LEU A 47 2.88 12.72 -16.81
CA LEU A 47 3.95 13.18 -17.70
C LEU A 47 4.33 12.03 -18.61
N PRO A 48 4.87 12.33 -19.79
CA PRO A 48 5.27 11.27 -20.73
C PRO A 48 6.32 10.34 -20.11
N ALA A 49 6.22 9.05 -20.45
CA ALA A 49 7.17 8.07 -19.94
C ALA A 49 8.57 8.34 -20.49
N GLU A 50 9.58 8.02 -19.70
CA GLU A 50 10.94 8.22 -20.14
C GLU A 50 11.67 6.90 -20.11
N TYR A 51 11.79 6.32 -21.29
CA TYR A 51 12.47 5.05 -21.49
C TYR A 51 13.76 5.30 -22.26
N GLU A 52 14.68 4.35 -22.14
CA GLU A 52 15.97 4.41 -22.81
C GLU A 52 15.84 4.46 -24.34
N ASP A 53 14.89 3.72 -24.90
CA ASP A 53 14.68 3.68 -26.33
C ASP A 53 13.38 4.42 -26.68
N GLY A 54 12.95 5.27 -25.77
CA GLY A 54 11.74 6.03 -25.97
C GLY A 54 10.44 5.22 -25.86
N LEU A 55 10.47 3.89 -25.92
CA LEU A 55 9.24 3.10 -25.82
C LEU A 55 9.14 2.08 -24.70
N ALA A 56 10.18 1.32 -24.45
CA ALA A 56 10.05 0.34 -23.39
C ALA A 56 11.27 -0.02 -22.56
N LEU A 57 12.47 0.16 -23.09
CA LEU A 57 13.64 -0.22 -22.31
C LEU A 57 13.96 0.78 -21.21
N PRO A 58 14.14 0.30 -19.98
CA PRO A 58 14.42 1.23 -18.89
C PRO A 58 15.84 1.76 -18.94
N PHE A 59 16.06 2.91 -18.30
CA PHE A 59 17.39 3.47 -18.25
C PHE A 59 18.27 2.55 -17.38
N GLY A 60 19.46 2.25 -17.90
CA GLY A 60 20.39 1.38 -17.21
C GLY A 60 20.42 -0.01 -17.83
N TRP A 61 19.51 -0.26 -18.76
CA TRP A 61 19.41 -1.55 -19.44
C TRP A 61 20.61 -1.76 -20.36
N THR A 62 20.90 -0.76 -21.18
CA THR A 62 22.02 -0.85 -22.10
C THR A 62 23.15 -0.02 -21.49
N GLN A 63 24.12 -0.71 -20.90
CA GLN A 63 25.24 -0.04 -20.22
C GLN A 63 25.94 1.05 -21.04
N ARG A 64 25.88 0.95 -22.36
CA ARG A 64 26.53 1.96 -23.18
C ARG A 64 25.68 3.23 -23.38
N LYS A 65 24.38 3.14 -23.11
CA LYS A 65 23.49 4.29 -23.26
C LYS A 65 23.50 5.11 -21.98
N THR A 66 23.43 6.42 -22.10
CA THR A 66 23.45 7.29 -20.92
C THR A 66 22.09 7.97 -20.75
N ARG A 67 21.95 8.70 -19.65
CA ARG A 67 20.73 9.46 -19.38
C ARG A 67 21.25 10.88 -19.20
N ASN A 68 20.94 11.74 -20.17
CA ASN A 68 21.42 13.13 -20.14
C ASN A 68 22.95 13.23 -20.09
N GLY A 69 23.63 12.27 -20.69
CA GLY A 69 25.08 12.32 -20.71
C GLY A 69 25.80 11.50 -19.67
N PHE A 70 25.08 10.90 -18.71
CA PHE A 70 25.75 10.10 -17.69
C PHE A 70 25.15 8.73 -17.48
N ARG A 71 25.98 7.82 -16.98
CA ARG A 71 25.54 6.47 -16.67
C ARG A 71 24.69 6.60 -15.42
N VAL A 72 23.61 5.84 -15.35
CA VAL A 72 22.78 5.90 -14.15
C VAL A 72 23.40 4.92 -13.18
N PRO A 73 23.59 5.32 -11.93
CA PRO A 73 24.18 4.45 -10.92
C PRO A 73 23.36 3.21 -10.62
N LEU A 74 24.06 2.15 -10.22
CA LEU A 74 23.39 0.89 -9.88
C LEU A 74 22.44 1.12 -8.72
N ALA A 75 21.26 0.53 -8.77
CA ALA A 75 20.28 0.70 -7.70
C ALA A 75 20.82 0.30 -6.34
N ARG A 76 21.47 -0.86 -6.28
CA ARG A 76 22.02 -1.36 -5.03
C ARG A 76 23.16 -0.50 -4.46
N GLU A 77 23.88 0.21 -5.33
CA GLU A 77 24.95 1.05 -4.84
C GLU A 77 24.34 2.27 -4.16
N VAL A 78 23.33 2.88 -4.78
CA VAL A 78 22.65 4.03 -4.18
C VAL A 78 22.10 3.57 -2.85
N SER A 79 21.60 2.35 -2.82
CA SER A 79 21.07 1.80 -1.59
C SER A 79 22.15 1.76 -0.49
N ASN A 80 23.31 1.20 -0.83
CA ASN A 80 24.42 1.08 0.13
C ASN A 80 25.02 2.40 0.60
N LYS A 81 25.17 3.35 -0.33
CA LYS A 81 25.95 4.55 -0.07
C LYS A 81 25.10 5.61 0.63
N ILE A 82 23.78 5.46 0.56
CA ILE A 82 22.86 6.54 0.85
C ILE A 82 21.77 6.10 1.83
N VAL A 83 21.18 4.94 1.55
CA VAL A 83 19.89 4.59 2.13
C VAL A 83 20.08 3.82 3.44
N GLY A 84 21.22 3.15 3.57
CA GLY A 84 21.49 2.34 4.74
C GLY A 84 22.08 3.01 5.96
N TYR A 85 22.01 2.31 7.09
CA TYR A 85 22.56 2.77 8.36
C TYR A 85 22.61 1.57 9.35
N LEU A 86 23.34 1.72 10.45
CA LEU A 86 23.47 0.60 11.38
C LEU A 86 22.82 0.78 12.73
N ASP A 87 22.74 2.01 13.22
CA ASP A 87 22.20 2.26 14.55
C ASP A 87 20.71 2.64 14.66
N GLU A 88 19.89 1.69 15.09
CA GLU A 88 18.45 1.89 15.24
C GLU A 88 18.06 2.79 16.43
N GLU A 89 19.05 3.23 17.20
CA GLU A 89 18.82 4.08 18.35
C GLU A 89 18.49 5.52 17.96
N GLY A 90 17.44 6.07 18.59
CA GLY A 90 17.03 7.44 18.31
C GLY A 90 16.27 7.63 17.01
N VAL A 91 15.90 6.52 16.37
CA VAL A 91 15.22 6.54 15.08
C VAL A 91 13.68 6.55 15.10
N LEU A 92 13.07 6.34 16.26
CA LEU A 92 11.61 6.31 16.36
C LEU A 92 10.93 7.67 16.34
N ASP A 93 9.75 7.70 15.71
CA ASP A 93 8.95 8.92 15.58
C ASP A 93 8.24 9.16 16.92
N GLN A 94 8.61 10.24 17.60
CA GLN A 94 8.02 10.57 18.89
C GLN A 94 6.53 10.94 18.92
N ASN A 95 5.92 11.20 17.76
CA ASN A 95 4.51 11.54 17.77
C ASN A 95 3.66 10.84 16.69
N ARG A 96 4.03 9.60 16.39
CA ARG A 96 3.29 8.78 15.43
C ARG A 96 3.37 7.33 15.91
N SER A 97 2.22 6.70 16.09
CA SER A 97 2.16 5.30 16.55
C SER A 97 2.51 4.37 15.39
N LEU A 98 2.77 3.09 15.70
CA LEU A 98 3.09 2.12 14.66
C LEU A 98 1.92 2.03 13.66
N LEU A 99 0.72 2.33 14.14
CA LEU A 99 -0.49 2.31 13.33
C LEU A 99 -0.41 3.34 12.18
N PHE A 100 0.32 4.43 12.39
CA PHE A 100 0.47 5.46 11.38
C PHE A 100 1.10 4.82 10.11
N MET A 101 2.13 4.01 10.31
CA MET A 101 2.81 3.31 9.21
C MET A 101 1.86 2.29 8.58
N GLN A 102 1.26 1.45 9.43
CA GLN A 102 0.37 0.42 8.96
C GLN A 102 -0.86 0.89 8.18
N TRP A 103 -1.43 2.03 8.53
CA TRP A 103 -2.59 2.52 7.79
C TRP A 103 -2.16 2.92 6.38
N GLY A 104 -0.96 3.48 6.28
CA GLY A 104 -0.46 3.87 4.98
C GLY A 104 -0.39 2.69 4.03
N GLN A 105 0.15 1.55 4.48
CA GLN A 105 0.20 0.36 3.60
C GLN A 105 -1.19 -0.08 3.21
N ILE A 106 -2.16 0.03 4.12
CA ILE A 106 -3.54 -0.36 3.83
C ILE A 106 -4.14 0.51 2.73
N VAL A 107 -4.00 1.84 2.86
CA VAL A 107 -4.49 2.77 1.84
C VAL A 107 -3.74 2.54 0.50
N ASP A 108 -2.42 2.31 0.54
CA ASP A 108 -1.62 2.10 -0.69
C ASP A 108 -2.13 0.85 -1.45
N HIS A 109 -2.54 -0.20 -0.73
CA HIS A 109 -3.02 -1.45 -1.34
C HIS A 109 -4.42 -1.41 -1.86
N ASP A 110 -5.18 -0.50 -1.29
CA ASP A 110 -6.53 -0.31 -1.74
C ASP A 110 -6.46 0.41 -3.10
N LEU A 111 -5.48 1.30 -3.26
CA LEU A 111 -5.37 2.09 -4.49
C LEU A 111 -4.56 1.57 -5.68
N ASP A 112 -3.44 0.89 -5.44
CA ASP A 112 -2.61 0.44 -6.56
C ASP A 112 -1.88 -0.88 -6.43
N PHE A 113 -1.76 -1.59 -7.54
CA PHE A 113 -1.02 -2.83 -7.59
C PHE A 113 -0.59 -3.12 -9.01
N ALA A 114 0.72 -3.07 -9.25
CA ALA A 114 1.30 -3.37 -10.55
C ALA A 114 2.06 -4.66 -10.37
N PRO A 115 1.40 -5.80 -10.64
CA PRO A 115 2.06 -7.11 -10.49
C PRO A 115 3.16 -7.38 -11.51
N GLU A 116 4.16 -8.18 -11.11
CA GLU A 116 5.25 -8.51 -12.02
C GLU A 116 4.74 -9.39 -13.15
N THR A 117 5.51 -9.50 -14.22
CA THR A 117 5.15 -10.33 -15.36
C THR A 117 5.36 -11.81 -15.03
N GLU A 118 4.38 -12.64 -15.38
CA GLU A 118 4.44 -14.07 -15.11
C GLU A 118 5.10 -14.83 -16.25
N LEU A 119 4.28 -15.20 -17.23
CA LEU A 119 4.70 -15.92 -18.43
C LEU A 119 5.64 -17.11 -18.25
N GLY A 120 5.20 -18.13 -17.50
CA GLY A 120 6.05 -19.30 -17.38
C GLY A 120 6.44 -19.94 -16.06
N SER A 121 5.74 -21.03 -15.73
CA SER A 121 6.00 -21.84 -14.55
C SER A 121 6.25 -23.21 -15.19
N ASN A 122 7.48 -23.69 -15.06
CA ASN A 122 8.01 -24.94 -15.66
C ASN A 122 8.82 -24.25 -16.80
N GLU A 123 9.47 -23.15 -16.40
CA GLU A 123 10.27 -22.30 -17.28
C GLU A 123 11.67 -22.03 -16.72
N HIS A 124 12.69 -22.12 -17.57
CA HIS A 124 14.07 -21.86 -17.16
C HIS A 124 14.29 -20.37 -17.02
N SER A 125 13.24 -19.59 -17.30
CA SER A 125 13.30 -18.14 -17.21
C SER A 125 13.48 -17.68 -15.77
N LYS A 126 12.75 -18.33 -14.86
CA LYS A 126 12.83 -18.01 -13.43
C LYS A 126 14.20 -18.47 -12.94
N THR A 127 14.74 -19.46 -13.64
CA THR A 127 16.05 -20.02 -13.32
C THR A 127 17.15 -19.16 -13.92
N GLN A 128 17.06 -18.92 -15.22
CA GLN A 128 18.06 -18.12 -15.93
C GLN A 128 18.21 -16.72 -15.35
N CYS A 129 17.19 -16.26 -14.63
CA CYS A 129 17.25 -14.93 -14.06
C CYS A 129 17.88 -14.92 -12.68
N GLU A 130 17.46 -15.84 -11.81
CA GLU A 130 18.02 -15.90 -10.46
C GLU A 130 19.37 -16.60 -10.41
N GLU A 131 19.53 -17.67 -11.19
CA GLU A 131 20.79 -18.42 -11.16
C GLU A 131 21.95 -17.80 -11.93
N TYR A 132 21.70 -17.27 -13.12
CA TYR A 132 22.79 -16.73 -13.91
C TYR A 132 22.83 -15.22 -14.04
N CYS A 133 21.79 -14.54 -13.58
CA CYS A 133 21.78 -13.08 -13.53
C CYS A 133 21.89 -12.49 -14.93
N ILE A 134 21.23 -13.13 -15.89
CA ILE A 134 21.28 -12.68 -17.29
C ILE A 134 20.08 -11.79 -17.62
N GLN A 135 20.34 -10.50 -17.74
CA GLN A 135 19.35 -9.56 -18.28
C GLN A 135 18.87 -10.01 -19.66
N GLY A 136 17.59 -9.83 -19.91
CA GLY A 136 17.01 -10.19 -21.18
C GLY A 136 15.53 -10.23 -20.87
N ASP A 137 14.69 -9.87 -21.83
CA ASP A 137 13.25 -9.83 -21.65
C ASP A 137 12.85 -9.32 -20.26
N ASN A 138 11.85 -9.93 -19.65
CA ASN A 138 11.40 -9.44 -18.36
C ASN A 138 12.33 -9.63 -17.16
N CYS A 139 13.53 -10.09 -17.41
CA CYS A 139 14.50 -10.24 -16.33
C CYS A 139 15.43 -9.03 -16.43
N PHE A 140 15.39 -8.20 -15.39
CA PHE A 140 16.17 -6.96 -15.33
C PHE A 140 16.80 -6.97 -13.92
N PRO A 141 17.86 -7.78 -13.74
CA PRO A 141 18.59 -7.96 -12.47
C PRO A 141 19.24 -6.75 -11.82
N ILE A 142 19.26 -6.78 -10.49
CA ILE A 142 19.88 -5.73 -9.73
C ILE A 142 21.28 -6.30 -9.48
N MET A 143 22.27 -5.77 -10.17
CA MET A 143 23.64 -6.23 -10.01
C MET A 143 24.26 -5.66 -8.74
N PHE A 144 25.12 -6.45 -8.10
CA PHE A 144 25.81 -6.03 -6.89
C PHE A 144 27.06 -5.25 -7.29
N PRO A 145 27.39 -4.18 -6.46
CA PRO A 145 28.67 -3.36 -6.56
C PRO A 145 29.88 -4.15 -6.33
N LYS A 146 31.05 -3.55 -6.66
CA LYS A 146 32.23 -4.17 -6.19
C LYS A 146 32.14 -3.82 -4.71
N ASN A 147 32.77 -4.60 -3.84
CA ASN A 147 32.84 -4.34 -2.40
C ASN A 147 31.49 -4.64 -1.61
N ASP A 148 30.45 -5.19 -2.26
CA ASP A 148 29.17 -5.48 -1.60
C ASP A 148 29.25 -6.83 -0.88
N PRO A 149 29.02 -6.85 0.44
CA PRO A 149 29.10 -8.14 1.14
C PRO A 149 28.16 -9.22 0.61
N LYS A 150 27.09 -8.85 -0.09
CA LYS A 150 26.20 -9.86 -0.63
C LYS A 150 26.86 -10.64 -1.77
N LEU A 151 27.91 -10.08 -2.34
CA LEU A 151 28.64 -10.73 -3.42
C LEU A 151 29.36 -11.99 -2.89
N LYS A 152 29.89 -11.87 -1.69
CA LYS A 152 30.60 -12.97 -1.05
C LYS A 152 29.63 -14.02 -0.53
N THR A 153 28.42 -13.57 -0.21
CA THR A 153 27.42 -14.44 0.40
C THR A 153 26.19 -14.90 -0.40
N GLN A 154 25.72 -14.08 -1.34
CA GLN A 154 24.51 -14.43 -2.07
C GLN A 154 24.64 -14.78 -3.54
N GLY A 155 25.45 -14.03 -4.27
CA GLY A 155 25.62 -14.29 -5.69
C GLY A 155 26.09 -13.04 -6.38
N LYS A 156 25.78 -12.91 -7.67
CA LYS A 156 26.21 -11.75 -8.42
C LYS A 156 25.10 -10.71 -8.54
N CYS A 157 23.88 -11.12 -8.22
CA CYS A 157 22.77 -10.20 -8.36
C CYS A 157 21.57 -10.65 -7.57
N MET A 158 20.54 -9.81 -7.61
CA MET A 158 19.24 -10.06 -7.01
C MET A 158 18.29 -10.15 -8.20
N PRO A 159 17.56 -11.26 -8.34
CA PRO A 159 16.63 -11.32 -9.47
C PRO A 159 15.55 -10.24 -9.35
N PHE A 160 15.05 -9.78 -10.48
CA PHE A 160 14.05 -8.72 -10.54
C PHE A 160 13.34 -8.88 -11.87
N PHE A 161 12.01 -8.87 -11.85
CA PHE A 161 11.23 -9.00 -13.06
C PHE A 161 10.40 -7.77 -13.32
N ARG A 162 10.41 -7.31 -14.56
CA ARG A 162 9.65 -6.12 -14.94
C ARG A 162 8.16 -6.27 -14.69
N ALA A 163 7.52 -5.14 -14.40
CA ALA A 163 6.09 -5.08 -14.13
C ALA A 163 5.25 -5.33 -15.38
N GLY A 164 4.07 -5.91 -15.18
CA GLY A 164 3.20 -6.18 -16.31
C GLY A 164 2.72 -4.90 -16.98
N PHE A 165 2.29 -5.03 -18.23
CA PHE A 165 1.82 -3.88 -19.00
C PHE A 165 0.51 -4.20 -19.70
N VAL A 166 -0.30 -3.13 -19.87
CA VAL A 166 -1.59 -3.23 -20.57
C VAL A 166 -1.35 -3.87 -21.91
N CYS A 167 -2.43 -3.95 -22.67
CA CYS A 167 -2.43 -4.67 -23.90
C CYS A 167 -2.13 -6.12 -23.41
N PRO A 168 -1.11 -6.81 -23.95
CA PRO A 168 -0.71 -8.17 -23.61
C PRO A 168 -0.22 -8.71 -22.33
N THR A 169 0.87 -9.33 -22.78
CA THR A 169 1.79 -9.90 -21.91
C THR A 169 3.06 -10.34 -22.63
N PRO A 170 2.95 -10.70 -23.92
CA PRO A 170 4.13 -11.11 -24.70
C PRO A 170 4.66 -9.79 -25.31
N PRO A 171 5.77 -9.83 -26.06
CA PRO A 171 6.38 -8.65 -26.69
C PRO A 171 5.47 -7.65 -27.47
N TYR A 172 5.55 -6.35 -27.14
CA TYR A 172 4.76 -5.30 -27.80
C TYR A 172 5.65 -4.20 -28.44
N GLN A 173 5.21 -3.65 -29.59
CA GLN A 173 6.04 -2.74 -30.40
C GLN A 173 5.84 -1.26 -30.78
N SER A 174 4.67 -0.64 -30.58
CA SER A 174 4.52 0.74 -31.05
C SER A 174 4.51 1.91 -30.04
N LEU A 175 3.37 2.11 -29.40
CA LEU A 175 3.21 3.17 -28.39
C LEU A 175 4.08 2.84 -27.17
N ALA A 176 4.24 3.80 -26.26
CA ALA A 176 5.07 3.57 -25.08
C ALA A 176 4.44 2.58 -24.10
N ARG A 177 5.28 1.81 -23.43
CA ARG A 177 4.85 0.80 -22.46
C ARG A 177 4.16 1.35 -21.21
N GLU A 178 2.94 0.88 -20.96
CA GLU A 178 2.14 1.35 -19.83
C GLU A 178 1.87 0.23 -18.84
N GLN A 179 2.25 0.44 -17.59
CA GLN A 179 2.10 -0.58 -16.55
C GLN A 179 0.65 -0.71 -16.13
N ILE A 180 0.33 -1.84 -15.49
CA ILE A 180 -1.05 -2.14 -15.10
C ILE A 180 -1.29 -1.81 -13.63
N ASN A 181 -2.47 -1.30 -13.33
CA ASN A 181 -2.99 -1.29 -11.97
C ASN A 181 -4.06 -2.35 -11.76
N ALA A 182 -3.70 -3.42 -11.06
CA ALA A 182 -4.60 -4.56 -10.88
C ALA A 182 -5.76 -4.35 -9.91
N VAL A 183 -5.82 -3.18 -9.26
CA VAL A 183 -6.91 -2.91 -8.33
C VAL A 183 -7.65 -1.63 -8.73
N THR A 184 -8.80 -1.38 -8.10
CA THR A 184 -9.60 -0.20 -8.41
C THR A 184 -8.95 1.07 -7.82
N SER A 185 -9.00 2.17 -8.58
CA SER A 185 -8.41 3.43 -8.14
C SER A 185 -9.16 4.14 -7.03
N PHE A 186 -10.44 3.78 -6.85
CA PHE A 186 -11.25 4.43 -5.80
C PHE A 186 -10.93 3.87 -4.43
N LEU A 187 -10.97 4.73 -3.39
CA LEU A 187 -10.73 4.26 -2.03
C LEU A 187 -12.05 3.56 -1.67
N ASP A 188 -12.14 2.27 -1.97
CA ASP A 188 -13.38 1.53 -1.75
C ASP A 188 -13.31 0.20 -1.01
N ALA A 189 -12.24 -0.03 -0.25
CA ALA A 189 -12.05 -1.29 0.48
C ALA A 189 -11.90 -2.51 -0.45
N SER A 190 -11.39 -2.29 -1.66
CA SER A 190 -11.17 -3.38 -2.59
C SER A 190 -10.15 -4.38 -2.05
N LEU A 191 -9.33 -3.97 -1.08
CA LEU A 191 -8.34 -4.89 -0.53
C LEU A 191 -9.01 -5.93 0.36
N VAL A 192 -10.27 -5.67 0.71
CA VAL A 192 -11.05 -6.56 1.55
C VAL A 192 -11.95 -7.46 0.69
N TYR A 193 -12.60 -6.85 -0.30
CA TYR A 193 -13.54 -7.58 -1.13
C TYR A 193 -13.01 -8.13 -2.45
N GLY A 194 -11.89 -7.59 -2.92
CA GLY A 194 -11.33 -8.04 -4.18
C GLY A 194 -11.64 -7.04 -5.27
N SER A 195 -10.97 -7.16 -6.42
CA SER A 195 -11.18 -6.28 -7.56
C SER A 195 -11.69 -7.05 -8.77
N GLU A 196 -11.84 -8.36 -8.61
CA GLU A 196 -12.33 -9.23 -9.66
C GLU A 196 -13.56 -9.94 -9.13
N PRO A 197 -14.53 -10.19 -10.02
CA PRO A 197 -15.76 -10.91 -9.64
C PRO A 197 -15.45 -12.34 -9.20
N SEP A 198 -14.40 -12.87 -9.80
CA SEP A 198 -13.91 -14.20 -9.53
CB SEP A 198 -12.70 -14.43 -10.48
OG SEP A 198 -13.07 -14.14 -11.89
C SEP A 198 -13.57 -14.32 -8.02
O SEP A 198 -14.12 -15.18 -7.30
P SEP A 198 -12.70 -12.81 -12.84
O1P SEP A 198 -11.46 -13.17 -13.78
O2P SEP A 198 -12.32 -11.53 -11.98
O3P SEP A 198 -13.83 -12.32 -13.81
N LEU A 199 -12.72 -13.43 -7.53
CA LEU A 199 -12.22 -13.52 -6.17
C LEU A 199 -13.26 -13.02 -5.16
N ALA A 200 -13.90 -11.88 -5.45
CA ALA A 200 -14.98 -11.37 -4.60
C ALA A 200 -16.00 -12.43 -4.20
N SER A 201 -16.37 -13.27 -5.15
CA SER A 201 -17.35 -14.33 -4.90
C SER A 201 -16.79 -15.43 -4.00
N ARG A 202 -15.55 -15.81 -4.26
CA ARG A 202 -14.86 -16.85 -3.51
C ARG A 202 -14.60 -16.44 -2.07
N LEU A 203 -14.54 -15.15 -1.82
CA LEU A 203 -14.29 -14.63 -0.48
C LEU A 203 -15.55 -14.65 0.37
N ARG A 204 -16.69 -14.66 -0.30
CA ARG A 204 -17.98 -14.64 0.38
C ARG A 204 -18.49 -16.00 0.88
N ASN A 205 -19.35 -15.94 1.91
CA ASN A 205 -19.98 -17.13 2.48
C ASN A 205 -21.35 -17.19 1.82
N LEU A 206 -21.44 -17.94 0.73
CA LEU A 206 -22.70 -18.03 -0.01
C LEU A 206 -23.60 -19.22 0.33
N SER A 207 -23.20 -20.05 1.27
CA SER A 207 -24.01 -21.19 1.66
C SER A 207 -24.97 -20.79 2.78
N SER A 208 -24.88 -19.53 3.19
CA SER A 208 -25.73 -18.97 4.23
C SER A 208 -26.23 -17.61 3.75
N PRO A 209 -27.51 -17.30 3.99
CA PRO A 209 -28.12 -16.03 3.57
C PRO A 209 -27.87 -14.83 4.47
N LEU A 210 -26.69 -14.75 5.06
CA LEU A 210 -26.41 -13.66 5.98
C LEU A 210 -25.47 -12.56 5.47
N GLY A 211 -24.98 -12.71 4.23
CA GLY A 211 -24.10 -11.71 3.65
C GLY A 211 -22.76 -11.58 4.36
N LEU A 212 -22.24 -12.69 4.84
CA LEU A 212 -20.97 -12.69 5.55
C LEU A 212 -19.83 -13.09 4.61
N MET A 213 -18.61 -12.82 5.08
CA MET A 213 -17.40 -13.17 4.35
C MET A 213 -16.98 -14.53 4.92
N ALA A 214 -16.38 -15.37 4.09
CA ALA A 214 -15.91 -16.68 4.53
C ALA A 214 -14.86 -16.47 5.61
N VAL A 215 -14.84 -17.34 6.60
CA VAL A 215 -13.85 -17.23 7.66
C VAL A 215 -13.12 -18.56 7.79
N ASN A 216 -12.00 -18.55 8.50
CA ASN A 216 -11.22 -19.77 8.69
C ASN A 216 -12.06 -20.81 9.45
N GLN A 217 -11.85 -22.08 9.12
CA GLN A 217 -12.56 -23.17 9.78
C GLN A 217 -11.61 -24.03 10.60
N GLU A 218 -10.31 -23.83 10.39
CA GLU A 218 -9.29 -24.62 11.09
C GLU A 218 -8.90 -23.99 12.42
N ALA A 219 -9.15 -22.69 12.54
CA ALA A 219 -8.54 -21.90 13.61
C ALA A 219 -9.46 -20.75 14.03
N TRP A 220 -9.51 -20.49 15.33
CA TRP A 220 -10.25 -19.36 15.86
C TRP A 220 -9.45 -18.57 16.87
N ASP A 221 -9.85 -17.32 17.09
CA ASP A 221 -9.16 -16.46 18.03
C ASP A 221 -10.10 -16.13 19.18
N HIS A 222 -10.11 -17.02 20.17
CA HIS A 222 -10.97 -16.85 21.34
C HIS A 222 -12.39 -16.57 20.87
N GLY A 223 -12.85 -17.34 19.88
CA GLY A 223 -14.20 -17.13 19.38
C GLY A 223 -14.33 -16.06 18.31
N LEU A 224 -13.22 -15.48 17.86
CA LEU A 224 -13.27 -14.46 16.81
C LEU A 224 -12.62 -15.04 15.55
N ALA A 225 -13.06 -14.58 14.39
CA ALA A 225 -12.56 -15.10 13.12
C ALA A 225 -11.16 -14.72 12.64
N TYR A 226 -10.65 -15.58 11.77
CA TYR A 226 -9.36 -15.42 11.11
C TYR A 226 -9.74 -15.45 9.62
N LEU A 227 -8.88 -14.92 8.77
CA LEU A 227 -9.18 -14.96 7.35
C LEU A 227 -8.96 -16.42 6.94
N PRO A 228 -9.68 -16.91 5.92
CA PRO A 228 -9.49 -18.29 5.49
C PRO A 228 -8.09 -18.48 4.91
N PHE A 229 -7.59 -19.72 4.88
CA PHE A 229 -6.25 -19.97 4.33
C PHE A 229 -6.34 -19.99 2.82
N ASN A 230 -5.20 -19.77 2.16
CA ASN A 230 -5.16 -19.73 0.69
C ASN A 230 -4.82 -21.09 0.10
N ASN A 231 -5.32 -21.33 -1.11
CA ASN A 231 -5.46 -22.69 -1.63
C ASN A 231 -4.27 -23.10 -2.49
N LYS A 232 -3.34 -22.17 -2.69
CA LYS A 232 -2.24 -22.39 -3.62
C LYS A 232 -0.99 -22.89 -2.88
N LYS A 233 -0.50 -24.06 -3.29
CA LYS A 233 0.76 -24.56 -2.80
C LYS A 233 1.62 -24.57 -4.06
N PRO A 234 2.91 -24.21 -3.95
CA PRO A 234 3.57 -23.82 -2.70
C PRO A 234 3.21 -22.43 -2.21
N SER A 235 2.99 -22.30 -0.91
CA SER A 235 2.76 -21.00 -0.30
C SER A 235 3.97 -20.54 0.52
N PRO A 236 4.37 -19.29 0.33
CA PRO A 236 5.59 -18.77 0.97
C PRO A 236 5.49 -18.82 2.49
N CYS A 237 4.27 -18.88 3.01
CA CYS A 237 4.05 -18.86 4.44
C CYS A 237 4.42 -20.17 5.13
N GLU A 238 4.18 -21.30 4.48
CA GLU A 238 4.57 -22.55 5.10
C GLU A 238 6.06 -22.80 4.88
N PHE A 239 6.65 -22.16 3.86
CA PHE A 239 8.07 -22.31 3.58
C PHE A 239 8.98 -21.74 4.68
N ILE A 240 8.58 -20.60 5.25
CA ILE A 240 9.39 -19.98 6.29
C ILE A 240 9.44 -20.81 7.58
N ASN A 241 8.63 -21.85 7.64
CA ASN A 241 8.63 -22.77 8.79
C ASN A 241 7.88 -24.03 8.40
N THR A 242 8.57 -24.94 7.72
CA THR A 242 7.97 -26.19 7.26
C THR A 242 7.47 -27.11 8.36
N THR A 243 7.78 -26.77 9.61
CA THR A 243 7.34 -27.58 10.73
C THR A 243 5.92 -27.16 11.10
N ALA A 244 5.72 -25.85 11.25
CA ALA A 244 4.40 -25.31 11.61
C ALA A 244 3.41 -25.50 10.46
N ARG A 245 3.93 -25.44 9.23
CA ARG A 245 3.13 -25.62 8.03
C ARG A 245 1.81 -24.84 8.05
N VAL A 246 1.88 -23.52 8.17
CA VAL A 246 0.68 -22.69 8.17
C VAL A 246 0.67 -21.82 6.91
N PRO A 247 -0.31 -22.02 6.02
CA PRO A 247 -0.42 -21.24 4.78
C PRO A 247 -0.75 -19.75 4.97
N CYS A 248 -0.60 -18.99 3.90
CA CYS A 248 -0.91 -17.57 3.91
C CYS A 248 -2.43 -17.42 3.96
N PHE A 249 -2.91 -16.23 4.24
CA PHE A 249 -4.35 -16.00 4.31
C PHE A 249 -4.93 -15.64 2.95
N LEU A 250 -6.26 -15.76 2.82
CA LEU A 250 -6.93 -15.41 1.57
C LEU A 250 -7.72 -14.13 1.79
N ALA A 251 -7.32 -13.06 1.10
CA ALA A 251 -8.00 -11.78 1.25
C ALA A 251 -8.29 -11.13 -0.10
N GLY A 252 -8.96 -9.99 -0.06
CA GLY A 252 -9.31 -9.27 -1.28
C GLY A 252 -8.08 -8.83 -2.03
N ASP A 253 -6.94 -8.77 -1.35
CA ASP A 253 -5.69 -8.36 -1.97
C ASP A 253 -4.66 -9.46 -1.77
N PHE A 254 -3.85 -9.71 -2.80
CA PHE A 254 -2.85 -10.77 -2.73
C PHE A 254 -1.62 -10.54 -1.85
N ARG A 255 -1.41 -9.31 -1.39
CA ARG A 255 -0.24 -8.97 -0.57
C ARG A 255 -0.48 -9.08 0.93
N ALA A 256 -1.72 -9.39 1.30
CA ALA A 256 -2.14 -9.48 2.69
C ALA A 256 -1.21 -10.14 3.73
N SER A 257 -0.50 -11.19 3.36
CA SER A 257 0.39 -11.87 4.29
C SER A 257 1.87 -11.42 4.21
N GLU A 258 2.28 -10.31 3.45
CA GLU A 258 3.75 -9.90 3.33
C GLU A 258 4.32 -9.74 4.70
N GLN A 259 3.52 -9.26 5.66
CA GLN A 259 4.07 -9.09 6.98
C GLN A 259 2.92 -9.20 8.00
N ILE A 260 3.22 -9.76 9.15
CA ILE A 260 2.24 -10.03 10.19
C ILE A 260 1.30 -8.92 10.63
N LEU A 261 1.79 -7.68 10.60
CA LEU A 261 0.97 -6.56 11.03
C LEU A 261 -0.06 -6.17 9.96
N LEU A 262 0.26 -6.43 8.70
CA LEU A 262 -0.66 -6.14 7.59
C LEU A 262 -1.79 -7.17 7.64
N ALA A 263 -1.43 -8.44 7.86
CA ALA A 263 -2.40 -9.51 7.92
C ALA A 263 -3.36 -9.23 9.08
N THR A 264 -2.81 -8.67 10.15
CA THR A 264 -3.56 -8.31 11.34
C THR A 264 -4.63 -7.25 11.03
N ALA A 265 -4.27 -6.23 10.25
CA ALA A 265 -5.20 -5.19 9.88
C ALA A 265 -6.31 -5.77 8.98
N HIS A 266 -5.94 -6.67 8.09
CA HIS A 266 -6.89 -7.31 7.19
C HIS A 266 -7.94 -8.10 7.99
N THR A 267 -7.51 -8.75 9.06
CA THR A 267 -8.38 -9.53 9.92
C THR A 267 -9.38 -8.64 10.66
N LEU A 268 -8.92 -7.46 11.10
CA LEU A 268 -9.78 -6.51 11.79
C LEU A 268 -10.91 -6.08 10.85
N LEU A 269 -10.57 -5.81 9.60
CA LEU A 269 -11.54 -5.37 8.61
C LEU A 269 -12.52 -6.49 8.23
N LEU A 270 -12.02 -7.71 8.11
CA LEU A 270 -12.88 -8.82 7.77
C LEU A 270 -13.93 -8.95 8.86
N ARG A 271 -13.48 -8.88 10.12
CA ARG A 271 -14.35 -8.98 11.28
C ARG A 271 -15.42 -7.90 11.33
N GLU A 272 -15.05 -6.67 10.97
CA GLU A 272 -15.99 -5.57 10.98
C GLU A 272 -17.10 -5.80 9.95
N HIS A 273 -16.75 -6.38 8.81
CA HIS A 273 -17.78 -6.65 7.80
C HIS A 273 -18.84 -7.60 8.35
N ASN A 274 -18.38 -8.67 9.02
CA ASN A 274 -19.28 -9.65 9.58
C ASN A 274 -20.07 -9.08 10.76
N ARG A 275 -19.39 -8.32 11.61
CA ARG A 275 -20.05 -7.68 12.74
C ARG A 275 -21.19 -6.80 12.22
N LEU A 276 -20.88 -6.00 11.20
CA LEU A 276 -21.79 -5.06 10.55
C LEU A 276 -22.97 -5.77 9.89
N ALA A 277 -22.66 -6.88 9.23
CA ALA A 277 -23.67 -7.67 8.52
C ALA A 277 -24.64 -8.39 9.46
N ARG A 278 -24.18 -8.90 10.59
CA ARG A 278 -25.09 -9.60 11.49
C ARG A 278 -25.84 -8.57 12.34
N GLU A 279 -25.28 -7.37 12.42
CA GLU A 279 -25.89 -6.29 13.17
C GLU A 279 -27.01 -5.69 12.31
N LEU A 280 -26.84 -5.75 10.99
CA LEU A 280 -27.83 -5.24 10.04
C LEU A 280 -28.94 -6.26 9.84
N LYS A 281 -28.62 -7.54 10.00
CA LYS A 281 -29.61 -8.59 9.84
C LYS A 281 -30.63 -8.47 10.97
N LYS A 282 -30.15 -7.96 12.09
CA LYS A 282 -30.95 -7.78 13.30
C LYS A 282 -31.96 -6.64 13.16
N LEU A 283 -31.56 -5.56 12.50
CA LEU A 283 -32.44 -4.41 12.32
C LEU A 283 -33.36 -4.56 11.11
N ASN A 284 -32.94 -5.35 10.14
CA ASN A 284 -33.72 -5.57 8.93
C ASN A 284 -33.80 -7.07 8.62
N PRO A 285 -34.59 -7.81 9.41
CA PRO A 285 -34.76 -9.25 9.28
C PRO A 285 -35.15 -9.71 7.87
N HIS A 286 -35.79 -8.82 7.12
CA HIS A 286 -36.24 -9.16 5.77
C HIS A 286 -35.22 -9.05 4.65
N TRP A 287 -34.15 -8.30 4.89
CA TRP A 287 -33.09 -8.13 3.87
C TRP A 287 -32.45 -9.47 3.55
N ASN A 288 -32.18 -9.73 2.27
CA ASN A 288 -31.53 -10.98 1.87
C ASN A 288 -29.98 -10.89 1.96
N GLY A 289 -29.32 -12.01 1.66
CA GLY A 289 -27.87 -12.07 1.70
C GLY A 289 -27.14 -10.99 0.92
N GLU A 290 -27.45 -10.87 -0.36
CA GLU A 290 -26.84 -9.88 -1.23
C GLU A 290 -26.97 -8.47 -0.65
N LYS A 291 -28.17 -8.12 -0.19
CA LYS A 291 -28.42 -6.80 0.39
C LYS A 291 -27.52 -6.59 1.60
N LEU A 292 -27.41 -7.61 2.46
CA LEU A 292 -26.57 -7.49 3.64
C LEU A 292 -25.11 -7.26 3.25
N TYR A 293 -24.61 -8.05 2.30
CA TYR A 293 -23.24 -7.93 1.83
C TYR A 293 -22.94 -6.52 1.29
N GLN A 294 -23.74 -6.07 0.32
CA GLN A 294 -23.55 -4.76 -0.29
C GLN A 294 -23.64 -3.61 0.71
N GLU A 295 -24.60 -3.70 1.62
CA GLU A 295 -24.82 -2.65 2.59
C GLU A 295 -23.71 -2.55 3.64
N ALA A 296 -23.17 -3.68 4.06
CA ALA A 296 -22.08 -3.69 5.03
C ALA A 296 -20.80 -3.18 4.30
N ARG A 297 -20.61 -3.66 3.08
CA ARG A 297 -19.50 -3.29 2.21
C ARG A 297 -19.46 -1.77 1.99
N LYS A 298 -20.63 -1.20 1.74
CA LYS A 298 -20.74 0.24 1.52
C LYS A 298 -20.31 1.02 2.76
N ILE A 299 -20.72 0.52 3.93
CA ILE A 299 -20.35 1.14 5.19
C ILE A 299 -18.84 1.07 5.42
N LEU A 300 -18.26 -0.10 5.16
CA LEU A 300 -16.84 -0.33 5.42
C LEU A 300 -15.97 0.57 4.52
N GLY A 301 -16.45 0.82 3.31
CA GLY A 301 -15.73 1.67 2.38
C GLY A 301 -15.75 3.11 2.83
N ALA A 302 -16.86 3.52 3.45
CA ALA A 302 -17.02 4.86 3.97
C ALA A 302 -16.07 5.04 5.17
N PHE A 303 -15.94 3.98 5.97
CA PHE A 303 -15.08 3.98 7.15
C PHE A 303 -13.62 4.24 6.74
N ILE A 304 -13.14 3.47 5.77
CA ILE A 304 -11.77 3.61 5.28
C ILE A 304 -11.55 5.01 4.70
N GLN A 305 -12.54 5.53 3.99
CA GLN A 305 -12.42 6.87 3.42
C GLN A 305 -12.36 7.93 4.51
N ILE A 306 -13.19 7.79 5.54
CA ILE A 306 -13.25 8.76 6.64
C ILE A 306 -11.98 8.83 7.49
N ILE A 307 -11.48 7.67 7.89
CA ILE A 307 -10.27 7.59 8.70
C ILE A 307 -9.05 8.10 7.92
N THR A 308 -9.02 7.80 6.63
CA THR A 308 -7.91 8.21 5.78
C THR A 308 -7.86 9.74 5.63
N PHE A 309 -9.03 10.34 5.46
CA PHE A 309 -9.11 11.72 5.00
C PHE A 309 -9.31 12.68 6.18
N ARG A 310 -9.86 12.17 7.27
CA ARG A 310 -10.03 12.95 8.48
C ARG A 310 -8.86 12.83 9.45
N ASP A 311 -8.37 11.58 9.65
CA ASP A 311 -7.30 11.36 10.60
C ASP A 311 -5.89 11.12 10.04
N TYR A 312 -5.81 10.41 8.90
CA TYR A 312 -4.51 10.05 8.35
C TYR A 312 -3.80 11.10 7.48
N LEU A 313 -4.49 11.64 6.50
CA LEU A 313 -3.85 12.58 5.58
C LEU A 313 -3.38 13.87 6.24
N PRO A 314 -4.16 14.43 7.17
CA PRO A 314 -3.72 15.68 7.82
C PRO A 314 -2.34 15.56 8.48
N ILE A 315 -1.99 14.38 9.00
CA ILE A 315 -0.69 14.22 9.64
C ILE A 315 0.43 13.72 8.72
N VAL A 316 0.08 13.58 7.44
CA VAL A 316 1.09 13.20 6.45
C VAL A 316 1.48 14.43 5.63
N LEU A 317 0.46 15.23 5.32
CA LEU A 317 0.69 16.41 4.52
C LEU A 317 0.95 17.65 5.36
N GLY A 318 0.51 17.62 6.62
CA GLY A 318 0.73 18.75 7.49
C GLY A 318 0.07 20.02 6.97
N SER A 319 0.80 21.11 7.00
CA SER A 319 0.27 22.39 6.56
C SER A 319 0.00 22.47 5.06
N GLU A 320 0.46 21.48 4.32
CA GLU A 320 0.26 21.44 2.88
C GLU A 320 -1.11 20.84 2.53
N MET A 321 -1.75 20.22 3.51
CA MET A 321 -3.06 19.61 3.35
C MET A 321 -4.06 20.56 2.68
N GLN A 322 -4.27 21.73 3.25
CA GLN A 322 -5.21 22.71 2.70
C GLN A 322 -4.88 23.17 1.29
N LYS A 323 -3.59 23.20 0.98
CA LYS A 323 -3.10 23.61 -0.32
C LYS A 323 -3.46 22.68 -1.47
N TRP A 324 -3.56 21.38 -1.19
CA TRP A 324 -3.88 20.41 -2.24
C TRP A 324 -5.25 19.77 -2.15
N ILE A 325 -5.83 19.80 -0.97
CA ILE A 325 -7.13 19.19 -0.76
C ILE A 325 -8.10 20.15 -0.07
N PRO A 326 -8.65 21.11 -0.84
CA PRO A 326 -9.59 22.08 -0.28
C PRO A 326 -10.83 21.35 0.22
N PRO A 327 -11.72 22.06 0.95
CA PRO A 327 -12.91 21.38 1.46
C PRO A 327 -13.76 20.81 0.32
N TYR A 328 -14.44 19.71 0.59
CA TYR A 328 -15.27 19.02 -0.41
C TYR A 328 -16.42 19.89 -0.93
N GLN A 329 -16.48 20.05 -2.25
CA GLN A 329 -17.50 20.85 -2.92
C GLN A 329 -18.56 19.98 -3.60
N GLY A 330 -18.33 18.67 -3.62
CA GLY A 330 -19.25 17.76 -4.28
C GLY A 330 -18.60 16.99 -5.42
N TYR A 331 -19.32 16.05 -5.99
CA TYR A 331 -18.80 15.25 -7.08
C TYR A 331 -18.57 16.03 -8.37
N ASN A 332 -17.42 15.79 -8.98
CA ASN A 332 -17.05 16.44 -10.23
C ASN A 332 -16.78 15.36 -11.28
N ASN A 333 -17.68 15.21 -12.24
CA ASN A 333 -17.51 14.17 -13.26
C ASN A 333 -16.37 14.42 -14.26
N SER A 334 -15.78 15.61 -14.24
CA SER A 334 -14.68 15.92 -15.16
C SER A 334 -13.30 15.55 -14.63
N VAL A 335 -13.22 15.16 -13.37
CA VAL A 335 -11.97 14.80 -12.75
C VAL A 335 -11.56 13.37 -13.01
N ASP A 336 -10.31 13.18 -13.44
CA ASP A 336 -9.75 11.85 -13.70
C ASP A 336 -9.41 11.22 -12.35
N PRO A 337 -10.11 10.13 -11.98
CA PRO A 337 -9.87 9.45 -10.69
C PRO A 337 -8.77 8.40 -10.68
N ARG A 338 -8.22 8.09 -11.86
CA ARG A 338 -7.19 7.08 -11.97
C ARG A 338 -5.92 7.39 -11.20
N ILE A 339 -5.35 6.35 -10.62
CA ILE A 339 -4.10 6.50 -9.89
C ILE A 339 -2.99 6.62 -10.93
N SER A 340 -2.12 7.61 -10.73
CA SER A 340 -1.02 7.80 -11.68
C SER A 340 0.15 6.88 -11.38
N ASN A 341 0.98 6.65 -12.39
CA ASN A 341 2.15 5.79 -12.23
C ASN A 341 3.08 6.34 -11.14
N VAL A 342 3.37 7.64 -11.17
CA VAL A 342 4.27 8.25 -10.18
C VAL A 342 3.77 8.17 -8.73
N PHE A 343 2.46 8.19 -8.54
CA PHE A 343 1.88 8.07 -7.19
C PHE A 343 2.35 6.77 -6.53
N THR A 344 2.39 5.67 -7.29
CA THR A 344 2.78 4.38 -6.74
C THR A 344 4.22 4.37 -6.22
N PHE A 345 4.98 5.39 -6.59
CA PHE A 345 6.34 5.51 -6.10
C PHE A 345 6.38 6.55 -5.00
N ALA A 346 5.57 7.60 -5.14
CA ALA A 346 5.53 8.64 -4.13
C ALA A 346 4.94 8.10 -2.86
N PHE A 347 4.01 7.15 -2.99
CA PHE A 347 3.38 6.62 -1.79
C PHE A 347 4.32 5.67 -1.07
N ARG A 348 5.48 5.39 -1.67
CA ARG A 348 6.44 4.49 -1.04
C ARG A 348 7.28 5.20 0.03
N PHE A 349 6.88 6.41 0.43
CA PHE A 349 7.59 7.13 1.48
C PHE A 349 7.44 6.31 2.76
N GLY A 350 6.41 5.47 2.80
CA GLY A 350 6.16 4.63 3.96
C GLY A 350 7.26 3.64 4.29
N HIS A 351 8.04 3.23 3.31
CA HIS A 351 9.12 2.28 3.56
C HIS A 351 10.16 2.81 4.54
N MET A 352 10.27 4.13 4.62
CA MET A 352 11.24 4.74 5.52
C MET A 352 10.66 4.94 6.91
N GLU A 353 9.41 4.51 7.07
CA GLU A 353 8.71 4.64 8.33
C GLU A 353 8.59 3.30 9.04
N VAL A 354 9.17 2.26 8.46
CA VAL A 354 9.08 0.93 9.06
C VAL A 354 10.26 0.70 10.01
N PRO A 355 9.96 0.33 11.27
CA PRO A 355 11.00 0.07 12.28
C PRO A 355 11.54 -1.37 12.18
N SER A 356 12.63 -1.64 12.90
CA SER A 356 13.24 -2.95 12.84
C SER A 356 12.59 -4.07 13.65
N THR A 357 11.71 -3.72 14.57
CA THR A 357 11.10 -4.77 15.38
C THR A 357 9.60 -4.62 15.57
N VAL A 358 8.94 -5.75 15.84
CA VAL A 358 7.50 -5.79 16.11
C VAL A 358 7.32 -6.42 17.49
N SER A 359 6.52 -5.80 18.34
CA SER A 359 6.30 -6.34 19.69
C SER A 359 4.88 -6.83 19.95
N ARG A 360 4.78 -7.78 20.87
CA ARG A 360 3.50 -8.31 21.29
C ARG A 360 3.40 -7.92 22.76
N LEU A 361 2.27 -7.32 23.13
CA LEU A 361 2.06 -6.88 24.50
C LEU A 361 0.89 -7.63 25.13
N ASP A 362 0.99 -7.90 26.43
CA ASP A 362 -0.07 -8.56 27.18
C ASP A 362 -1.10 -7.58 27.66
N GLU A 363 -2.10 -8.05 28.34
CA GLU A 363 -3.22 -7.22 28.77
C GLU A 363 -2.91 -5.92 29.53
N ASN A 364 -1.73 -5.84 30.14
CA ASN A 364 -1.37 -4.61 30.86
C ASN A 364 -0.44 -3.83 29.95
N TYR A 365 -0.30 -4.30 28.72
CA TYR A 365 0.58 -3.68 27.74
C TYR A 365 2.04 -3.88 28.11
N GLN A 366 2.29 -4.97 28.82
CA GLN A 366 3.66 -5.29 29.17
C GLN A 366 4.14 -6.39 28.19
N PRO A 367 5.49 -6.62 28.10
CA PRO A 367 5.98 -7.65 27.18
C PRO A 367 5.21 -8.94 27.28
N TRP A 368 4.93 -9.55 26.14
CA TRP A 368 4.13 -10.76 26.12
C TRP A 368 5.00 -11.99 25.85
N GLY A 369 5.46 -12.60 26.93
CA GLY A 369 6.30 -13.78 26.80
C GLY A 369 7.77 -13.41 26.92
N PRO A 370 8.68 -14.38 26.70
CA PRO A 370 10.11 -14.08 26.82
C PRO A 370 10.69 -13.52 25.53
N GLU A 371 10.06 -13.85 24.41
CA GLU A 371 10.52 -13.37 23.10
C GLU A 371 9.45 -12.50 22.47
N ALA A 372 9.05 -11.47 23.22
CA ALA A 372 8.02 -10.54 22.80
C ALA A 372 8.40 -9.60 21.65
N GLU A 373 9.64 -9.15 21.64
CA GLU A 373 10.13 -8.26 20.58
C GLU A 373 10.90 -9.06 19.54
N LEU A 374 10.41 -9.06 18.30
CA LEU A 374 11.04 -9.81 17.21
C LEU A 374 11.56 -8.96 16.05
N PRO A 375 12.57 -9.45 15.33
CA PRO A 375 13.11 -8.69 14.19
C PRO A 375 12.08 -8.77 13.04
N LEU A 376 11.84 -7.62 12.41
CA LEU A 376 10.89 -7.52 11.32
C LEU A 376 11.09 -8.61 10.28
N HIS A 377 12.33 -8.88 9.88
CA HIS A 377 12.52 -9.88 8.83
C HIS A 377 12.02 -11.29 9.10
N THR A 378 11.81 -11.65 10.36
CA THR A 378 11.30 -12.99 10.67
C THR A 378 9.78 -13.01 10.55
N LEU A 379 9.17 -11.85 10.29
CA LEU A 379 7.73 -11.76 10.19
C LEU A 379 7.18 -11.59 8.76
N PHE A 380 8.05 -11.62 7.77
CA PHE A 380 7.61 -11.52 6.39
C PHE A 380 6.92 -12.85 6.03
N PHE A 381 5.68 -12.77 5.54
CA PHE A 381 4.90 -13.96 5.15
C PHE A 381 4.79 -14.96 6.30
N ASN A 382 4.71 -14.43 7.51
CA ASN A 382 4.61 -15.23 8.71
C ASN A 382 3.17 -15.21 9.18
N THR A 383 2.47 -16.32 9.06
CA THR A 383 1.10 -16.41 9.54
C THR A 383 1.07 -17.31 10.78
N TRP A 384 2.09 -18.15 10.94
CA TRP A 384 2.12 -19.09 12.08
C TRP A 384 2.20 -18.41 13.43
N ARG A 385 2.83 -17.25 13.49
CA ARG A 385 2.95 -16.50 14.73
C ARG A 385 1.57 -16.00 15.16
N ILE A 386 0.66 -15.85 14.21
CA ILE A 386 -0.67 -15.40 14.57
C ILE A 386 -1.49 -16.59 15.06
N ILE A 387 -1.60 -17.62 14.22
CA ILE A 387 -2.38 -18.81 14.55
C ILE A 387 -1.87 -19.59 15.74
N LYS A 388 -0.55 -19.65 15.91
CA LYS A 388 0.01 -20.44 16.99
C LYS A 388 0.68 -19.64 18.13
N ASP A 389 0.70 -18.31 18.06
CA ASP A 389 1.42 -17.61 19.12
C ASP A 389 0.63 -16.51 19.86
N GLY A 390 -0.70 -16.65 19.98
CA GLY A 390 -1.47 -15.71 20.77
C GLY A 390 -2.58 -14.89 20.07
N GLY A 391 -2.81 -15.15 18.79
CA GLY A 391 -3.76 -14.37 18.02
C GLY A 391 -3.27 -12.97 17.74
N ILE A 392 -4.21 -12.07 17.44
CA ILE A 392 -3.86 -10.75 16.92
C ILE A 392 -3.84 -9.72 18.04
N ASP A 393 -4.35 -10.10 19.21
CA ASP A 393 -4.59 -9.15 20.28
C ASP A 393 -3.30 -8.56 20.81
N PRO A 394 -2.26 -9.39 20.91
CA PRO A 394 -0.93 -8.93 21.33
C PRO A 394 -0.28 -8.01 20.27
N LEU A 395 -0.52 -8.32 18.99
CA LEU A 395 0.02 -7.53 17.88
C LEU A 395 -0.68 -6.17 17.78
N VAL A 396 -2.00 -6.15 17.96
CA VAL A 396 -2.78 -4.92 17.89
C VAL A 396 -2.36 -3.95 18.98
N ARG A 397 -2.06 -4.47 20.17
CA ARG A 397 -1.65 -3.60 21.26
C ARG A 397 -0.33 -2.95 20.89
N GLY A 398 0.54 -3.72 20.23
CA GLY A 398 1.82 -3.18 19.79
C GLY A 398 1.58 -2.05 18.81
N LEU A 399 0.63 -2.23 17.90
CA LEU A 399 0.31 -1.19 16.91
C LEU A 399 -0.07 0.13 17.58
N LEU A 400 -0.75 0.03 18.72
CA LEU A 400 -1.21 1.20 19.45
C LEU A 400 -0.17 1.81 20.37
N ALA A 401 0.62 0.97 21.04
CA ALA A 401 1.60 1.45 21.99
C ALA A 401 3.04 1.68 21.50
N LYS A 402 3.40 1.15 20.33
CA LYS A 402 4.74 1.36 19.81
C LYS A 402 4.72 2.50 18.80
N LYS A 403 5.90 3.00 18.45
CA LYS A 403 6.00 4.11 17.52
C LYS A 403 6.48 3.68 16.14
N SER A 404 6.24 4.53 15.14
CA SER A 404 6.70 4.27 13.77
C SER A 404 8.16 4.71 13.74
N LYS A 405 8.85 4.46 12.63
CA LYS A 405 10.20 4.92 12.50
C LYS A 405 10.04 6.30 11.87
N LEU A 406 10.90 7.24 12.26
CA LEU A 406 10.87 8.58 11.71
C LEU A 406 11.82 8.64 10.52
N MET A 407 11.41 9.31 9.45
CA MET A 407 12.27 9.45 8.28
C MET A 407 13.44 10.31 8.73
N ASN A 408 14.65 9.92 8.37
CA ASN A 408 15.84 10.63 8.77
C ASN A 408 16.77 10.63 7.55
N GLN A 409 17.30 11.79 7.19
CA GLN A 409 18.18 11.84 6.03
C GLN A 409 19.44 10.98 6.17
N ASP A 410 19.86 10.73 7.41
CA ASP A 410 21.04 9.90 7.66
C ASP A 410 20.64 8.43 7.91
N LYS A 411 19.36 8.19 8.18
CA LYS A 411 18.85 6.85 8.47
C LYS A 411 17.52 6.60 7.77
N MET A 412 17.54 6.29 6.48
CA MET A 412 16.32 6.14 5.64
C MET A 412 15.53 4.84 5.66
N VAL A 413 16.16 3.70 5.41
CA VAL A 413 15.41 2.43 5.45
C VAL A 413 16.16 1.41 6.28
N THR A 414 15.45 0.75 7.19
CA THR A 414 16.05 -0.25 8.08
C THR A 414 16.61 -1.48 7.36
N SER A 415 17.70 -2.03 7.88
CA SER A 415 18.35 -3.20 7.28
C SER A 415 17.44 -4.42 7.19
N GLU A 416 16.39 -4.42 8.00
CA GLU A 416 15.43 -5.52 7.98
C GLU A 416 14.77 -5.55 6.60
N LEU A 417 14.63 -4.38 5.99
CA LEU A 417 14.03 -4.27 4.66
C LEU A 417 15.11 -4.10 3.60
N ARG A 418 16.22 -3.47 3.98
CA ARG A 418 17.29 -3.20 3.01
C ARG A 418 18.24 -4.36 2.70
N ASN A 419 18.33 -5.33 3.60
CA ASN A 419 19.22 -6.48 3.36
C ASN A 419 18.53 -7.81 3.53
N LYS A 420 17.44 -7.83 4.30
CA LYS A 420 16.77 -9.10 4.59
C LYS A 420 15.34 -9.30 4.11
N LEU A 421 14.94 -8.60 3.05
CA LEU A 421 13.58 -8.76 2.53
C LEU A 421 13.36 -10.15 1.93
N PHE A 422 12.19 -10.74 2.20
CA PHE A 422 11.85 -12.04 1.65
C PHE A 422 10.84 -11.86 0.52
N GLN A 423 11.11 -12.44 -0.63
CA GLN A 423 10.20 -12.35 -1.77
C GLN A 423 9.44 -13.67 -1.86
N PRO A 424 8.11 -13.60 -1.97
CA PRO A 424 7.24 -14.78 -2.05
C PRO A 424 7.69 -15.80 -3.09
N THR A 425 8.35 -15.32 -4.13
CA THR A 425 8.79 -16.19 -5.22
C THR A 425 10.17 -16.85 -5.04
N HIS A 426 11.03 -16.29 -4.15
CA HIS A 426 12.40 -16.86 -3.92
C HIS A 426 12.55 -17.35 -2.49
N LYS A 427 13.69 -17.96 -2.17
CA LYS A 427 13.77 -18.57 -0.84
C LYS A 427 14.76 -18.01 0.19
N ILE A 428 15.37 -16.87 -0.08
CA ILE A 428 16.29 -16.31 0.89
C ILE A 428 15.76 -15.03 1.50
N HIS A 429 16.15 -14.76 2.75
CA HIS A 429 15.76 -13.51 3.37
C HIS A 429 16.94 -12.62 3.03
N GLY A 430 17.07 -12.25 1.76
CA GLY A 430 18.19 -11.44 1.38
C GLY A 430 17.98 -10.38 0.32
N PHE A 431 16.76 -9.86 0.20
CA PHE A 431 16.49 -8.83 -0.79
C PHE A 431 16.58 -7.42 -0.23
N ASP A 432 16.60 -6.43 -1.10
CA ASP A 432 16.71 -5.01 -0.72
C ASP A 432 15.54 -4.19 -1.28
N LEU A 433 14.56 -3.88 -0.44
CA LEU A 433 13.41 -3.11 -0.90
C LEU A 433 13.77 -1.75 -1.53
N ALA A 434 14.80 -1.10 -1.01
CA ALA A 434 15.25 0.21 -1.51
C ALA A 434 15.79 0.12 -2.94
N ALA A 435 16.64 -0.87 -3.20
CA ALA A 435 17.21 -1.09 -4.53
C ALA A 435 16.09 -1.51 -5.49
N ILE A 436 15.13 -2.28 -4.96
CA ILE A 436 14.00 -2.71 -5.78
C ILE A 436 13.14 -1.50 -6.18
N ASN A 437 12.91 -0.58 -5.23
CA ASN A 437 12.13 0.61 -5.51
C ASN A 437 12.81 1.43 -6.62
N LEU A 438 14.13 1.63 -6.49
CA LEU A 438 14.87 2.38 -7.48
C LEU A 438 14.82 1.72 -8.85
N GLN A 439 15.04 0.41 -8.87
CA GLN A 439 14.99 -0.37 -10.09
C GLN A 439 13.59 -0.29 -10.72
N ARG A 440 12.56 -0.35 -9.87
CA ARG A 440 11.18 -0.28 -10.35
C ARG A 440 10.86 1.09 -10.97
N CYS A 441 11.46 2.16 -10.43
CA CYS A 441 11.26 3.51 -10.97
C CYS A 441 11.69 3.52 -12.44
N ARG A 442 12.84 2.91 -12.71
CA ARG A 442 13.37 2.84 -14.07
C ARG A 442 12.51 1.93 -14.93
N ASP A 443 12.11 0.79 -14.35
CA ASP A 443 11.25 -0.17 -15.04
C ASP A 443 9.94 0.53 -15.47
N HIS A 444 9.38 1.40 -14.61
CA HIS A 444 8.14 2.09 -14.95
C HIS A 444 8.32 3.34 -15.81
N GLY A 445 9.54 3.58 -16.28
CA GLY A 445 9.82 4.74 -17.12
C GLY A 445 9.57 6.11 -16.50
N MET A 446 9.96 6.28 -15.24
CA MET A 446 9.75 7.55 -14.54
C MET A 446 10.68 8.70 -14.93
N PRO A 447 10.10 9.91 -15.04
CA PRO A 447 10.90 11.09 -15.39
C PRO A 447 11.77 11.35 -14.13
N GLY A 448 12.86 12.10 -14.30
CA GLY A 448 13.73 12.38 -13.18
C GLY A 448 13.20 13.34 -12.14
N TYR A 449 13.95 13.54 -11.07
CA TYR A 449 13.61 14.41 -9.95
C TYR A 449 13.23 15.85 -10.35
N ASN A 450 13.98 16.45 -11.26
CA ASN A 450 13.69 17.82 -11.66
C ASN A 450 12.46 17.99 -12.54
N SER A 451 12.10 16.93 -13.27
CA SER A 451 10.90 16.99 -14.09
C SER A 451 9.70 17.11 -13.13
N TRP A 452 9.73 16.36 -12.02
CA TRP A 452 8.65 16.41 -11.07
C TRP A 452 8.66 17.70 -10.23
N ARG A 453 9.84 18.23 -9.92
CA ARG A 453 9.91 19.50 -9.19
C ARG A 453 9.19 20.56 -10.06
N GLY A 454 9.49 20.58 -11.37
CA GLY A 454 8.87 21.53 -12.27
C GLY A 454 7.36 21.35 -12.34
N PHE A 455 6.92 20.11 -12.46
CA PHE A 455 5.50 19.75 -12.50
C PHE A 455 4.74 20.32 -11.27
N CYS A 456 5.42 20.37 -10.14
CA CYS A 456 4.83 20.87 -8.90
C CYS A 456 5.15 22.32 -8.67
N GLY A 457 5.76 22.97 -9.66
CA GLY A 457 6.10 24.38 -9.54
C GLY A 457 7.15 24.69 -8.50
N LEU A 458 8.12 23.79 -8.34
CA LEU A 458 9.18 23.98 -7.37
C LEU A 458 10.48 24.20 -8.11
N SER A 459 11.40 24.92 -7.48
CA SER A 459 12.70 25.18 -8.09
C SER A 459 13.38 23.87 -8.49
N GLN A 460 14.26 23.93 -9.48
CA GLN A 460 14.95 22.76 -9.97
C GLN A 460 16.45 22.94 -9.91
N PRO A 461 17.06 22.41 -8.84
CA PRO A 461 18.51 22.54 -8.64
C PRO A 461 19.29 21.91 -9.79
N LYS A 462 20.29 22.63 -10.29
CA LYS A 462 21.14 22.11 -11.36
C LYS A 462 22.55 21.83 -10.85
N THR A 463 22.93 22.48 -9.77
CA THR A 463 24.26 22.31 -9.20
C THR A 463 24.25 21.72 -7.80
N LEU A 464 25.45 21.40 -7.31
CA LEU A 464 25.64 20.83 -5.98
C LEU A 464 25.09 21.81 -4.94
N LYS A 465 25.51 23.06 -5.03
CA LYS A 465 25.10 24.10 -4.10
C LYS A 465 23.59 24.28 -4.15
N GLY A 466 23.04 24.11 -5.34
CA GLY A 466 21.61 24.23 -5.49
C GLY A 466 20.93 23.07 -4.78
N LEU A 467 21.48 21.86 -4.94
CA LEU A 467 20.89 20.69 -4.31
C LEU A 467 21.02 20.69 -2.79
N GLN A 468 22.09 21.34 -2.29
CA GLN A 468 22.32 21.45 -0.85
C GLN A 468 21.23 22.32 -0.23
N THR A 469 20.89 23.41 -0.90
CA THR A 469 19.88 24.33 -0.41
C THR A 469 18.49 23.74 -0.37
N VAL A 470 18.16 22.92 -1.38
CA VAL A 470 16.84 22.29 -1.43
C VAL A 470 16.76 21.19 -0.36
N LEU A 471 17.79 20.36 -0.32
CA LEU A 471 17.83 19.26 0.64
C LEU A 471 18.20 19.73 2.05
N LYS A 472 18.82 20.90 2.12
CA LYS A 472 19.29 21.48 3.38
C LYS A 472 20.22 20.51 4.08
N ASN A 473 21.03 19.82 3.28
CA ASN A 473 21.97 18.84 3.79
C ASN A 473 23.18 18.82 2.84
N LYS A 474 24.33 19.25 3.34
CA LYS A 474 25.54 19.29 2.54
C LYS A 474 26.06 17.94 2.09
N ILE A 475 26.24 17.00 3.02
CA ILE A 475 26.79 15.73 2.60
C ILE A 475 25.83 14.81 1.85
N LEU A 476 24.53 14.90 2.10
CA LEU A 476 23.59 14.06 1.38
C LEU A 476 23.58 14.53 -0.09
N ALA A 477 23.48 15.84 -0.27
CA ALA A 477 23.33 16.41 -1.61
C ALA A 477 24.50 16.03 -2.51
N LYS A 478 25.52 15.43 -1.92
CA LYS A 478 26.84 15.39 -2.54
C LYS A 478 27.37 13.96 -2.62
N LYS A 479 26.80 13.08 -1.82
CA LYS A 479 26.63 11.68 -2.20
C LYS A 479 25.74 11.55 -3.43
N LEU A 480 24.63 12.29 -3.43
CA LEU A 480 23.67 12.22 -4.51
C LEU A 480 24.36 12.66 -5.81
N MET A 481 25.13 13.73 -5.75
CA MET A 481 25.84 14.22 -6.94
C MET A 481 26.92 13.28 -7.46
N ASP A 482 27.67 12.67 -6.55
CA ASP A 482 28.72 11.74 -6.95
C ASP A 482 28.20 10.49 -7.66
N LEU A 483 27.00 10.08 -7.31
CA LEU A 483 26.42 8.91 -7.93
C LEU A 483 25.63 9.25 -9.19
N TYR A 484 24.93 10.36 -9.17
CA TYR A 484 24.09 10.74 -10.27
C TYR A 484 24.66 11.80 -11.25
N LYS A 485 25.58 12.64 -10.79
CA LYS A 485 26.24 13.60 -11.68
C LYS A 485 25.36 14.70 -12.21
N THR A 486 24.09 14.69 -11.83
CA THR A 486 23.18 15.78 -12.19
C THR A 486 21.86 15.50 -11.55
N PRO A 487 21.28 16.51 -10.91
CA PRO A 487 20.01 16.33 -10.22
C PRO A 487 18.85 15.89 -11.13
N ASP A 488 19.05 16.02 -12.44
CA ASP A 488 18.05 15.63 -13.42
C ASP A 488 17.91 14.11 -13.50
N ASN A 489 18.99 13.40 -13.18
CA ASN A 489 18.99 11.93 -13.22
C ASN A 489 18.57 11.27 -11.91
N ILE A 490 18.36 12.05 -10.86
CA ILE A 490 17.96 11.46 -9.57
C ILE A 490 16.57 10.80 -9.64
N ASP A 491 16.53 9.50 -9.34
CA ASP A 491 15.31 8.73 -9.34
C ASP A 491 14.33 9.41 -8.37
N ILE A 492 13.07 9.49 -8.77
CA ILE A 492 12.03 10.15 -7.97
C ILE A 492 11.84 9.61 -6.55
N TRP A 493 11.87 8.29 -6.39
CA TRP A 493 11.69 7.70 -5.07
C TRP A 493 12.72 8.22 -4.06
N ILE A 494 13.99 8.23 -4.44
CA ILE A 494 15.02 8.70 -3.52
C ILE A 494 15.04 10.25 -3.49
N GLY A 495 14.85 10.88 -4.63
CA GLY A 495 14.80 12.33 -4.66
C GLY A 495 13.67 12.90 -3.79
N GLY A 496 12.48 12.36 -3.98
CA GLY A 496 11.33 12.85 -3.20
C GLY A 496 11.49 12.67 -1.71
N ASN A 497 11.98 11.50 -1.30
CA ASN A 497 12.16 11.19 0.10
C ASN A 497 13.37 11.86 0.76
N ALA A 498 14.30 12.39 -0.02
CA ALA A 498 15.47 13.03 0.55
C ALA A 498 15.19 14.46 1.04
N GLU A 499 14.04 15.01 0.65
CA GLU A 499 13.68 16.38 1.04
C GLU A 499 13.20 16.51 2.48
N PRO A 500 13.52 17.63 3.15
CA PRO A 500 13.10 17.86 4.54
C PRO A 500 11.57 17.88 4.63
N MET A 501 11.04 17.41 5.76
CA MET A 501 9.61 17.37 5.94
C MET A 501 8.95 18.72 6.10
N VAL A 502 7.74 18.86 5.54
CA VAL A 502 7.00 20.11 5.68
C VAL A 502 6.52 20.18 7.13
N GLU A 503 6.17 21.38 7.54
CA GLU A 503 5.69 21.66 8.88
C GLU A 503 4.47 20.80 9.23
N ARG A 504 4.50 20.15 10.40
CA ARG A 504 3.42 19.29 10.89
C ARG A 504 3.14 18.07 10.04
N GLY A 505 4.02 17.77 9.07
CA GLY A 505 3.80 16.62 8.21
C GLY A 505 4.88 15.58 8.30
N ARG A 506 4.89 14.65 7.35
CA ARG A 506 5.90 13.59 7.35
C ARG A 506 6.50 13.36 5.97
N VAL A 507 6.28 14.32 5.07
CA VAL A 507 6.85 14.25 3.73
C VAL A 507 7.24 15.66 3.36
N GLY A 508 8.08 15.79 2.35
CA GLY A 508 8.50 17.10 1.89
C GLY A 508 7.59 17.72 0.84
N PRO A 509 7.98 18.89 0.31
CA PRO A 509 7.25 19.65 -0.72
C PRO A 509 6.84 18.83 -1.95
N LEU A 510 7.82 18.24 -2.63
CA LEU A 510 7.55 17.45 -3.82
C LEU A 510 6.51 16.34 -3.57
N LEU A 511 6.75 15.54 -2.53
CA LEU A 511 5.83 14.44 -2.20
C LEU A 511 4.43 14.95 -1.80
N ALA A 512 4.39 16.03 -1.02
CA ALA A 512 3.12 16.60 -0.58
C ALA A 512 2.30 16.98 -1.79
N CYS A 513 2.96 17.53 -2.80
CA CYS A 513 2.28 17.92 -4.04
C CYS A 513 1.77 16.70 -4.78
N LEU A 514 2.64 15.72 -4.99
CA LEU A 514 2.25 14.51 -5.71
C LEU A 514 1.16 13.72 -4.96
N LEU A 515 1.33 13.55 -3.66
CA LEU A 515 0.32 12.83 -2.88
C LEU A 515 -1.00 13.62 -2.82
N GLY A 516 -0.91 14.89 -2.45
CA GLY A 516 -2.09 15.74 -2.35
C GLY A 516 -2.96 15.80 -3.60
N ARG A 517 -2.40 16.00 -4.86
CA ARG A 517 -3.15 15.99 -6.12
C ARG A 517 -3.95 14.71 -6.29
N GLN A 518 -3.18 13.56 -6.10
CA GLN A 518 -3.80 12.26 -6.31
C GLN A 518 -5.01 12.06 -5.41
N PHE A 519 -4.86 12.31 -4.11
CA PHE A 519 -5.95 12.14 -3.19
C PHE A 519 -7.13 13.08 -3.44
N GLN A 520 -6.83 14.30 -3.87
CA GLN A 520 -7.88 15.26 -4.19
C GLN A 520 -8.71 14.69 -5.34
N GLN A 521 -8.02 14.14 -6.33
CA GLN A 521 -8.66 13.55 -7.50
C GLN A 521 -9.50 12.31 -7.24
N ILE A 522 -9.03 11.38 -6.40
CA ILE A 522 -9.83 10.18 -6.15
C ILE A 522 -11.02 10.48 -5.25
N ARG A 523 -11.01 11.64 -4.59
CA ARG A 523 -12.13 12.05 -3.75
C ARG A 523 -13.15 12.76 -4.65
N ASP A 524 -12.68 13.75 -5.41
CA ASP A 524 -13.54 14.54 -6.27
C ASP A 524 -14.13 13.78 -7.46
N GLY A 525 -13.42 12.77 -7.94
CA GLY A 525 -13.90 12.00 -9.07
C GLY A 525 -14.60 10.70 -8.72
N ASP A 526 -14.95 10.54 -7.45
CA ASP A 526 -15.63 9.33 -6.98
C ASP A 526 -17.11 9.61 -6.82
N ARG A 527 -17.94 8.99 -7.65
CA ARG A 527 -19.38 9.19 -7.57
C ARG A 527 -19.93 8.62 -6.27
N PHE A 528 -19.21 7.68 -5.67
CA PHE A 528 -19.65 7.08 -4.43
C PHE A 528 -18.91 7.59 -3.19
N TRP A 529 -18.33 8.78 -3.29
CA TRP A 529 -17.65 9.36 -2.14
C TRP A 529 -18.76 9.49 -1.09
N TRP A 530 -18.45 9.12 0.16
CA TRP A 530 -19.44 9.13 1.24
C TRP A 530 -20.18 10.44 1.49
N GLU A 531 -19.57 11.57 1.14
CA GLU A 531 -20.19 12.87 1.34
C GLU A 531 -20.99 13.37 0.16
N ASN A 532 -20.94 12.61 -0.93
CA ASN A 532 -21.68 13.02 -2.12
C ASN A 532 -23.16 12.83 -1.85
N PRO A 533 -23.94 13.92 -1.91
CA PRO A 533 -25.39 13.88 -1.68
C PRO A 533 -26.06 12.69 -2.37
N GLY A 534 -26.86 11.93 -1.63
CA GLY A 534 -27.54 10.79 -2.21
C GLY A 534 -26.90 9.43 -2.02
N VAL A 535 -25.60 9.40 -1.70
CA VAL A 535 -24.91 8.14 -1.48
C VAL A 535 -25.38 7.56 -0.15
N PHE A 536 -25.37 8.41 0.87
CA PHE A 536 -25.85 8.04 2.20
C PHE A 536 -26.88 9.10 2.55
N THR A 537 -27.77 8.81 3.49
CA THR A 537 -28.75 9.82 3.88
C THR A 537 -28.06 10.76 4.87
N GLU A 538 -28.67 11.90 5.15
CA GLU A 538 -28.09 12.85 6.07
C GLU A 538 -27.88 12.22 7.45
N LYS A 539 -28.86 11.46 7.91
CA LYS A 539 -28.75 10.83 9.21
C LYS A 539 -27.68 9.74 9.24
N GLN A 540 -27.47 9.07 8.12
CA GLN A 540 -26.45 8.03 8.06
C GLN A 540 -25.08 8.72 8.12
N ARG A 541 -24.99 9.91 7.55
CA ARG A 541 -23.74 10.65 7.56
C ARG A 541 -23.35 11.15 8.96
N ASP A 542 -24.35 11.62 9.71
CA ASP A 542 -24.11 12.11 11.07
C ASP A 542 -23.57 10.94 11.90
N SER A 543 -24.05 9.73 11.61
CA SER A 543 -23.64 8.54 12.34
C SER A 543 -22.23 8.07 11.94
N LEU A 544 -21.92 8.16 10.65
CA LEU A 544 -20.63 7.73 10.10
C LEU A 544 -19.40 8.53 10.55
N GLN A 545 -19.57 9.83 10.79
CA GLN A 545 -18.43 10.64 11.21
C GLN A 545 -18.02 10.46 12.66
N LYS A 546 -18.60 9.46 13.31
CA LYS A 546 -18.27 9.17 14.70
C LYS A 546 -17.34 7.97 14.76
N VAL A 547 -17.07 7.40 13.59
CA VAL A 547 -16.19 6.23 13.54
C VAL A 547 -14.79 6.64 13.95
N SER A 548 -14.04 5.66 14.44
CA SER A 548 -12.68 5.91 14.86
C SER A 548 -12.00 4.56 14.81
N PHE A 549 -10.69 4.54 14.60
CA PHE A 549 -10.00 3.26 14.57
C PHE A 549 -10.05 2.63 15.95
N SER A 550 -10.12 3.47 16.98
CA SER A 550 -10.19 2.96 18.35
C SER A 550 -11.44 2.09 18.52
N ARG A 551 -12.59 2.60 18.12
CA ARG A 551 -13.84 1.85 18.24
C ARG A 551 -13.78 0.53 17.46
N LEU A 552 -13.14 0.55 16.30
CA LEU A 552 -13.02 -0.65 15.48
C LEU A 552 -12.31 -1.73 16.28
N ILE A 553 -11.28 -1.34 17.03
CA ILE A 553 -10.52 -2.28 17.85
C ILE A 553 -11.40 -2.83 18.94
N CYS A 554 -12.08 -1.94 19.66
CA CYS A 554 -12.96 -2.33 20.76
C CYS A 554 -13.98 -3.38 20.35
N ASP A 555 -14.68 -3.13 19.25
CA ASP A 555 -15.70 -4.05 18.77
C ASP A 555 -15.21 -5.33 18.14
N ASN A 556 -13.92 -5.40 17.78
CA ASN A 556 -13.45 -6.62 17.09
C ASN A 556 -12.26 -7.33 17.71
N THR A 557 -11.94 -7.02 18.97
CA THR A 557 -10.82 -7.66 19.66
C THR A 557 -11.20 -7.73 21.13
N HIS A 558 -10.42 -8.41 21.92
CA HIS A 558 -10.72 -8.51 23.33
C HIS A 558 -9.95 -7.47 24.14
N ILE A 559 -9.52 -6.42 23.43
CA ILE A 559 -8.79 -5.32 24.04
C ILE A 559 -9.86 -4.39 24.60
N THR A 560 -9.69 -3.94 25.84
CA THR A 560 -10.68 -3.07 26.48
C THR A 560 -10.18 -1.65 26.77
N LYS A 561 -8.88 -1.41 26.57
CA LYS A 561 -8.30 -0.10 26.80
C LYS A 561 -7.63 0.37 25.50
N VAL A 562 -8.05 1.53 25.02
CA VAL A 562 -7.50 2.08 23.79
C VAL A 562 -7.35 3.59 23.88
N PRO A 563 -6.44 4.17 23.07
CA PRO A 563 -6.24 5.62 23.08
C PRO A 563 -7.38 6.23 22.28
N LEU A 564 -7.59 7.54 22.42
CA LEU A 564 -8.67 8.20 21.69
C LEU A 564 -8.22 8.58 20.27
N HIS A 565 -6.95 8.95 20.14
CA HIS A 565 -6.38 9.33 18.86
C HIS A 565 -5.29 8.30 18.58
N ALA A 566 -5.67 7.19 17.96
CA ALA A 566 -4.78 6.09 17.66
C ALA A 566 -3.53 6.33 16.82
N PHE A 567 -3.53 7.38 15.99
CA PHE A 567 -2.40 7.65 15.12
C PHE A 567 -1.23 8.40 15.76
N GLN A 568 -1.49 9.14 16.82
CA GLN A 568 -0.40 9.85 17.49
C GLN A 568 0.24 8.93 18.52
N ALA A 569 1.42 9.31 19.02
CA ALA A 569 2.11 8.49 20.02
C ALA A 569 1.36 8.53 21.35
N ASN A 570 0.97 7.36 21.85
CA ASN A 570 0.22 7.26 23.11
C ASN A 570 0.90 6.36 24.17
N ASN A 571 1.01 6.89 25.38
CA ASN A 571 1.64 6.14 26.46
C ASN A 571 0.64 5.45 27.38
N TYR A 572 0.85 4.17 27.62
CA TYR A 572 -0.02 3.43 28.54
C TYR A 572 0.63 3.65 29.89
N PRO A 573 -0.17 3.83 30.94
CA PRO A 573 -1.64 3.82 30.95
C PRO A 573 -2.33 5.16 30.75
N HIS A 574 -1.60 6.26 30.94
CA HIS A 574 -2.18 7.60 30.84
C HIS A 574 -3.07 7.96 29.65
N ASP A 575 -2.64 7.63 28.45
CA ASP A 575 -3.42 7.97 27.26
C ASP A 575 -4.46 6.94 26.86
N PHE A 576 -4.61 5.88 27.64
CA PHE A 576 -5.59 4.84 27.31
C PHE A 576 -6.85 4.90 28.16
N VAL A 577 -8.01 4.88 27.49
CA VAL A 577 -9.30 4.93 28.15
C VAL A 577 -10.05 3.60 28.01
N ASP A 578 -11.17 3.49 28.70
CA ASP A 578 -11.99 2.29 28.63
C ASP A 578 -12.85 2.31 27.38
N CYS A 579 -12.95 1.17 26.71
CA CYS A 579 -13.72 1.04 25.48
C CYS A 579 -15.13 1.58 25.56
N SER A 580 -15.71 1.54 26.75
CA SER A 580 -17.08 2.02 26.94
C SER A 580 -17.16 3.53 26.96
N THR A 581 -16.01 4.19 26.93
CA THR A 581 -15.95 5.65 26.93
C THR A 581 -15.91 6.10 25.48
N VAL A 582 -15.77 5.10 24.59
CA VAL A 582 -15.62 5.40 23.14
C VAL A 582 -16.90 5.33 22.27
N ASP A 583 -17.04 6.36 21.40
CA ASP A 583 -18.17 6.52 20.50
C ASP A 583 -18.44 5.26 19.63
N LYS A 584 -19.66 4.85 19.56
CA LYS A 584 -19.94 3.70 18.70
C LYS A 584 -20.53 4.25 17.39
N LEU A 585 -20.48 3.43 16.34
CA LEU A 585 -21.32 3.66 15.17
C LEU A 585 -22.78 3.31 15.44
N ASP A 586 -23.65 4.29 15.31
CA ASP A 586 -25.08 4.07 15.48
C ASP A 586 -25.73 3.67 14.16
N LEU A 587 -26.06 2.40 14.04
CA LEU A 587 -26.66 1.87 12.83
C LEU A 587 -28.17 1.95 12.70
N SER A 588 -28.83 2.63 13.63
CA SER A 588 -30.30 2.72 13.56
C SER A 588 -30.78 3.42 12.28
N PRO A 589 -30.02 4.43 11.79
CA PRO A 589 -30.42 5.13 10.57
C PRO A 589 -30.46 4.23 9.32
N TRP A 590 -30.04 2.98 9.47
CA TRP A 590 -30.05 2.05 8.36
C TRP A 590 -31.28 1.15 8.44
N ALA A 591 -32.10 1.36 9.47
CA ALA A 591 -33.32 0.57 9.65
C ALA A 591 -34.33 1.04 8.61
N SER A 592 -34.96 0.08 7.93
CA SER A 592 -35.96 0.41 6.92
C SER A 592 -37.36 0.02 7.39
N ARG A 593 -38.38 0.57 6.73
CA ARG A 593 -39.80 0.32 7.08
C ARG A 593 -40.60 0.25 5.72
N GLU A 594 -40.66 -0.98 5.10
CA GLU A 594 -41.31 -1.13 3.79
C GLU A 594 -42.84 -1.26 3.75
N ASN A 595 -43.52 -0.69 4.75
CA ASN A 595 -44.98 -0.67 4.80
C ASN A 595 -45.44 0.64 5.43
C1 NAG B . 1.18 15.11 18.01
C2 NAG B . 1.32 16.52 18.59
C3 NAG B . -0.03 17.21 18.83
C4 NAG B . -1.00 17.03 17.66
C5 NAG B . -1.05 15.55 17.27
C6 NAG B . -1.97 15.27 16.09
C7 NAG B . 3.19 17.03 20.04
C8 NAG B . 3.84 16.87 21.40
N2 NAG B . 2.03 16.42 19.85
O3 NAG B . 0.19 18.60 19.03
O4 NAG B . -2.33 17.48 18.03
O5 NAG B . 0.27 15.11 16.90
O6 NAG B . -1.32 15.57 14.86
O7 NAG B . 3.75 17.70 19.16
C1 NAG B . -3.04 18.14 17.04
C2 NAG B . -4.57 17.97 17.23
C3 NAG B . -5.31 19.32 17.35
C4 NAG B . -4.83 20.40 16.35
C5 NAG B . -3.34 20.25 16.00
C6 NAG B . -2.62 21.57 15.82
C7 NAG B . -5.85 16.13 16.33
C8 NAG B . -6.38 15.40 15.12
N2 NAG B . -5.11 17.22 16.11
O3 NAG B . -5.21 19.82 18.67
O4 NAG B . -5.61 20.35 15.13
O5 NAG B . -2.66 19.51 17.04
O6 NAG B . -2.89 22.11 14.53
O7 NAG B . -6.12 15.72 17.47
C1 MAN B . -6.98 20.54 15.19
C2 MAN B . -7.58 20.45 13.78
C3 MAN B . -8.65 21.53 13.56
C4 MAN B . -9.52 21.68 14.82
C5 MAN B . -8.65 22.06 16.03
C6 MAN B . -9.01 21.29 17.29
O2 MAN B . -8.16 19.16 13.59
O3 MAN B . -9.48 21.16 12.46
O4 MAN B . -10.50 22.67 14.59
O5 MAN B . -7.24 21.84 15.76
O6 MAN B . -8.82 22.09 18.44
C1 NAG C . -20.83 -19.54 6.72
C2 NAG C . -19.60 -20.14 7.40
C3 NAG C . -19.94 -21.18 8.48
C4 NAG C . -21.06 -20.69 9.40
C5 NAG C . -22.25 -20.25 8.53
C6 NAG C . -23.45 -19.78 9.32
C7 NAG C . -17.59 -20.23 6.07
C8 NAG C . -16.76 -20.96 5.02
N2 NAG C . -18.76 -20.77 6.40
O3 NAG C . -18.78 -21.46 9.24
O4 NAG C . -21.43 -21.77 10.30
O5 NAG C . -21.83 -19.16 7.68
O6 NAG C . -23.23 -18.52 9.92
O7 NAG C . -17.17 -19.18 6.56
C1 NAG C . -21.99 -21.41 11.52
C2 NAG C . -22.81 -22.58 12.10
C3 NAG C . -22.28 -23.28 13.37
C4 NAG C . -21.20 -22.55 14.15
C5 NAG C . -20.26 -21.73 13.25
C6 NAG C . -19.22 -22.48 12.42
C7 NAG C . -25.05 -22.31 11.30
C8 NAG C . -26.47 -21.82 11.55
N2 NAG C . -24.18 -22.16 12.30
O3 NAG C . -21.81 -24.59 13.04
O4 NAG C . -21.79 -21.70 15.12
O5 NAG C . -21.01 -20.82 12.39
O6 NAG C . -19.79 -23.31 11.43
O7 NAG C . -24.74 -22.81 10.22
C1 NAG D . 8.16 -23.17 13.67
C2 NAG D . 9.21 -22.51 14.58
C3 NAG D . 9.29 -23.17 15.96
C4 NAG D . 7.91 -23.40 16.57
C5 NAG D . 7.04 -24.10 15.53
C6 NAG D . 5.64 -24.42 16.01
C7 NAG D . 11.06 -21.55 13.37
C8 NAG D . 12.44 -21.74 12.74
N2 NAG D . 10.52 -22.61 13.95
O3 NAG D . 10.09 -22.37 16.84
O4 NAG D . 8.05 -24.21 17.75
O5 NAG D . 6.92 -23.28 14.37
O6 NAG D . 4.80 -23.29 15.83
O7 NAG D . 10.51 -20.45 13.32
C1 NAG D . 7.18 -23.94 18.79
C2 NAG D . 7.01 -25.19 19.66
C3 NAG D . 6.53 -24.82 21.06
C4 NAG D . 7.49 -23.86 21.75
C5 NAG D . 8.42 -23.15 20.75
C6 NAG D . 9.68 -23.91 20.37
C7 NAG D . 6.46 -27.11 18.32
C8 NAG D . 5.37 -27.98 17.69
N2 NAG D . 6.04 -26.06 19.03
O3 NAG D . 6.41 -26.00 21.82
O4 NAG D . 6.73 -22.87 22.48
O5 NAG D . 7.69 -22.81 19.53
O6 NAG D . 10.81 -23.05 20.33
O7 NAG D . 7.64 -27.39 18.17
C1 MAN D . 6.74 -22.87 23.88
C2 MAN D . 7.84 -23.78 24.47
C3 MAN D . 7.48 -24.20 25.89
C4 MAN D . 6.56 -23.14 26.54
C5 MAN D . 5.23 -23.06 25.76
C6 MAN D . 4.54 -21.72 25.92
O2 MAN D . 9.08 -23.10 24.47
O3 MAN D . 8.67 -24.34 26.67
O4 MAN D . 6.30 -23.48 27.90
O5 MAN D . 5.44 -23.29 24.34
O6 MAN D . 3.14 -21.89 26.04
C1 NAG E . -14.24 19.93 -12.22
C2 NAG E . -14.32 21.44 -11.95
C3 NAG E . -13.45 22.27 -12.90
C4 NAG E . -12.08 21.64 -13.17
C5 NAG E . -12.29 20.17 -13.54
C6 NAG E . -11.01 19.42 -13.92
C7 NAG E . -16.43 22.26 -11.09
C8 NAG E . -17.86 22.66 -11.40
N2 NAG E . -15.71 21.85 -12.13
O3 NAG E . -13.26 23.55 -12.33
O4 NAG E . -11.42 22.34 -14.24
O5 NAG E . -12.89 19.50 -12.42
O6 NAG E . -10.08 19.38 -12.85
O7 NAG E . -16.00 22.30 -9.94
C1 NAG E . -10.98 23.61 -13.91
C2 NAG E . -9.45 23.64 -13.81
C3 NAG E . -8.77 23.55 -15.18
C4 NAG E . -9.53 24.34 -16.25
C5 NAG E . -10.52 25.30 -15.59
C6 NAG E . -11.26 26.18 -16.59
C7 NAG E . -7.76 24.97 -12.72
C8 NAG E . -7.40 26.25 -11.98
N2 NAG E . -9.02 24.84 -13.11
O3 NAG E . -8.67 22.18 -15.58
O4 NAG E . -8.62 25.08 -17.06
O5 NAG E . -11.52 24.55 -14.87
O6 NAG E . -12.50 26.63 -16.05
O7 NAG E . -6.89 24.11 -12.93
CHA HEM F . 5.42 -1.82 -2.79
CHB HEM F . 6.98 -4.24 1.04
CHC HEM F . 5.07 -0.78 3.91
CHD HEM F . 3.57 1.73 0.10
C1A HEM F . 6.08 -2.80 -2.05
C2A HEM F . 6.79 -3.98 -2.60
C3A HEM F . 7.22 -4.67 -1.52
C4A HEM F . 6.79 -3.93 -0.30
CMA HEM F . 7.94 -5.90 -1.58
CAA HEM F . 6.97 -4.33 -4.11
CBA HEM F . 8.01 -3.37 -4.77
CGA HEM F . 8.30 -3.49 -6.13
O1A HEM F . 8.40 -2.48 -6.85
O2A HEM F . 8.42 -4.65 -6.63
C1B HEM F . 6.57 -3.53 2.19
C2B HEM F . 6.82 -3.93 3.61
C3B HEM F . 6.27 -2.95 4.39
C4B HEM F . 5.69 -1.96 3.48
CMB HEM F . 7.56 -5.18 4.12
CAB HEM F . 6.24 -2.83 5.96
CBB HEM F . 6.80 -3.75 6.81
C1C HEM F . 4.52 0.20 3.17
C2C HEM F . 3.93 1.41 3.69
C3C HEM F . 3.47 2.16 2.58
C4C HEM F . 3.81 1.40 1.41
CMC HEM F . 3.85 1.76 5.24
CAC HEM F . 2.74 3.57 2.58
CBC HEM F . 2.46 4.29 3.74
C1D HEM F . 3.93 0.94 -1.02
C2D HEM F . 3.51 1.30 -2.41
C3D HEM F . 4.05 0.22 -3.28
C4D HEM F . 4.78 -0.70 -2.36
CMD HEM F . 2.70 2.49 -2.87
CAD HEM F . 3.85 0.11 -4.84
CBD HEM F . 2.48 -0.66 -5.01
CGD HEM F . 2.02 -0.91 -6.42
O1D HEM F . 2.32 -1.95 -7.09
O2D HEM F . 1.31 0.00 -6.88
NA HEM F . 6.11 -2.81 -0.68
NB HEM F . 5.88 -2.34 2.15
NC HEM F . 4.45 0.21 1.79
ND HEM F . 4.67 -0.27 -1.06
FE HEM F . 5.46 -1.28 0.52
CA CA G . -9.61 0.47 -4.43
I IOD H . 3.26 9.47 -14.19
I IOD I . 29.00 -0.15 -2.51
I IOD J . 3.51 16.73 14.51
I IOD K . -9.91 -22.37 5.81
I IOD L . -13.64 13.31 5.38
I IOD M . -6.24 -4.77 27.23
I IOD N . 21.15 25.92 -9.16
I IOD O . -5.49 10.25 15.43
S SCN P . -9.31 -16.52 -7.36
C SCN P . -10.80 -17.49 -7.95
N SCN P . -11.76 -18.19 -8.31
C1 SHA Q . 4.07 -6.24 -1.50
C2 SHA Q . 4.40 -7.49 -1.17
C3 SHA Q . 4.70 -8.50 -2.23
C4 SHA Q . 4.63 -8.16 -3.60
C5 SHA Q . 4.28 -6.81 -3.88
C6 SHA Q . 3.99 -5.87 -2.88
O6 SHA Q . 3.64 -4.54 -3.21
C7 SHA Q . 3.79 -5.31 -0.44
O7 SHA Q . 3.87 -5.67 0.76
N8 SHA Q . 3.43 -4.04 -0.74
O9 SHA Q . 3.11 -3.10 0.33
#